data_2VG4
#
_entry.id   2VG4
#
_cell.length_a   87.300
_cell.length_b   87.300
_cell.length_c   183.800
_cell.angle_alpha   90.00
_cell.angle_beta   90.00
_cell.angle_gamma   120.00
#
_symmetry.space_group_name_H-M   'P 32'
#
loop_
_entity.id
_entity.type
_entity.pdbx_description
1 polymer 'UNDECAPRENYL PYROPHOSPHATE SYNTHETASE'
2 water water
#
_entity_poly.entity_id   1
_entity_poly.type   'polypeptide(L)'
_entity_poly.pdbx_seq_one_letter_code
;FPQLPPAPDDYPTFPDTSTWPVVFPELPAAPYGGPCRPPQHTSKAAAPRIPADRLPNHVAIVMDGNGRWATQRGLARTEG
HKMGEAVVIDIACGAIELGIKWLSLYAFSTENWKRSPEEVRFLMGFNRDVVRRRRDTLKKLGVRIRWVGSRPRLWRSVIN
ELAVAEEMTKSNDVITINYCVNYGGRTEITEATREIAREVAAGRLNPERITESTIARHLQRPDIPDVDLFLRTSGEQRSS
NFMLWQAAYAEYIFQDKLWPDYDRRDLWAACEEYASRTRRFGSA
;
_entity_poly.pdbx_strand_id   A,B,C,D
#
# COMPACT_ATOMS: atom_id res chain seq x y z
N PHE A 1 21.49 0.83 -34.58
CA PHE A 1 20.35 0.55 -33.70
C PHE A 1 20.79 0.51 -32.24
N PRO A 2 19.91 0.97 -31.34
CA PRO A 2 20.26 1.22 -29.94
C PRO A 2 20.12 0.02 -29.02
N GLN A 3 19.50 -1.04 -29.50
CA GLN A 3 19.28 -2.22 -28.68
C GLN A 3 20.62 -2.82 -28.29
N LEU A 4 20.74 -3.27 -27.04
CA LEU A 4 21.87 -4.09 -26.65
C LEU A 4 21.82 -5.34 -27.52
N PRO A 5 22.95 -6.04 -27.67
CA PRO A 5 22.93 -7.27 -28.47
C PRO A 5 22.57 -8.48 -27.61
N PRO A 6 21.74 -9.39 -28.16
CA PRO A 6 21.28 -10.60 -27.45
C PRO A 6 22.29 -11.10 -26.42
N ALA A 7 21.84 -11.23 -25.17
CA ALA A 7 22.73 -11.63 -24.09
C ALA A 7 23.41 -12.95 -24.43
N PRO A 8 24.69 -13.09 -24.03
CA PRO A 8 25.31 -14.41 -24.19
C PRO A 8 24.37 -15.48 -23.65
N ASP A 9 24.35 -16.64 -24.29
CA ASP A 9 23.44 -17.71 -23.90
C ASP A 9 23.51 -18.03 -22.40
N ASP A 10 24.65 -17.76 -21.79
CA ASP A 10 24.88 -18.15 -20.40
C ASP A 10 24.67 -17.03 -19.37
N TYR A 11 24.09 -15.91 -19.82
CA TYR A 11 23.83 -14.78 -18.92
C TYR A 11 22.61 -15.10 -18.05
N PRO A 12 22.62 -14.63 -16.79
CA PRO A 12 21.52 -14.91 -15.86
C PRO A 12 20.16 -14.51 -16.43
N THR A 13 19.08 -15.15 -15.97
CA THR A 13 17.75 -14.84 -16.48
C THR A 13 16.85 -14.22 -15.41
N PHE A 14 15.67 -13.76 -15.82
CA PHE A 14 14.75 -13.09 -14.92
C PHE A 14 13.33 -13.10 -15.50
N PRO A 15 12.31 -13.36 -14.66
CA PRO A 15 12.40 -13.66 -13.23
C PRO A 15 12.29 -15.15 -12.96
N ASP A 16 12.78 -15.59 -11.79
CA ASP A 16 12.55 -16.95 -11.33
C ASP A 16 11.48 -16.90 -10.24
N THR A 17 10.22 -16.97 -10.65
CA THR A 17 9.10 -16.71 -9.76
C THR A 17 8.69 -17.95 -8.96
N SER A 18 9.67 -18.77 -8.61
CA SER A 18 9.44 -19.89 -7.70
C SER A 18 9.62 -19.38 -6.27
N THR A 19 10.63 -18.54 -6.09
CA THR A 19 10.87 -17.88 -4.82
C THR A 19 10.17 -16.53 -4.80
N TRP A 20 9.93 -15.99 -3.63
CA TRP A 20 9.44 -14.62 -3.51
C TRP A 20 9.90 -13.96 -2.21
N PRO A 21 10.37 -12.71 -2.29
CA PRO A 21 10.53 -11.94 -3.54
C PRO A 21 11.48 -12.63 -4.51
N VAL A 22 11.12 -12.63 -5.78
CA VAL A 22 11.97 -13.23 -6.80
C VAL A 22 13.40 -12.77 -6.55
N VAL A 23 14.35 -13.68 -6.66
CA VAL A 23 15.74 -13.31 -6.48
C VAL A 23 16.29 -12.74 -7.77
N PHE A 24 16.87 -11.54 -7.68
CA PHE A 24 17.51 -10.93 -8.83
C PHE A 24 18.91 -11.50 -8.97
N PRO A 25 19.19 -12.15 -10.12
CA PRO A 25 20.44 -12.89 -10.35
C PRO A 25 21.70 -12.08 -10.06
N GLU A 26 22.71 -12.74 -9.51
CA GLU A 26 24.04 -12.15 -9.40
C GLU A 26 24.66 -12.13 -10.79
N LEU A 27 24.84 -10.93 -11.34
CA LEU A 27 25.30 -10.79 -12.72
C LEU A 27 26.83 -10.84 -12.81
N PRO A 28 27.34 -11.24 -13.98
CA PRO A 28 28.79 -11.29 -14.21
C PRO A 28 29.43 -9.94 -13.93
N ALA A 29 30.72 -9.93 -13.58
CA ALA A 29 31.44 -8.69 -13.31
C ALA A 29 31.77 -7.94 -14.59
N ALA A 30 32.21 -6.69 -14.46
CA ALA A 30 32.59 -5.87 -15.61
C ALA A 30 34.10 -5.66 -15.64
N PRO A 31 34.64 -5.34 -16.83
CA PRO A 31 36.09 -5.28 -17.06
C PRO A 31 36.91 -4.24 -16.26
N TYR A 32 36.43 -3.03 -16.00
CA TYR A 32 35.10 -2.53 -16.37
C TYR A 32 35.30 -1.21 -17.13
N GLY A 33 34.23 -0.53 -17.54
CA GLY A 33 32.86 -0.94 -17.33
C GLY A 33 32.14 0.02 -16.42
N GLY A 34 30.81 0.01 -16.48
CA GLY A 34 30.00 0.82 -15.59
C GLY A 34 28.68 0.15 -15.32
N PRO A 35 27.64 0.50 -16.11
CA PRO A 35 26.32 -0.11 -15.98
C PRO A 35 26.28 -1.57 -16.44
N CYS A 36 25.79 -2.45 -15.58
CA CYS A 36 25.67 -3.86 -15.91
C CYS A 36 24.57 -4.12 -16.93
N ARG A 37 24.75 -5.16 -17.73
CA ARG A 37 23.70 -5.61 -18.63
C ARG A 37 22.59 -6.24 -17.80
N PRO A 38 21.32 -6.00 -18.20
CA PRO A 38 20.22 -6.59 -17.44
C PRO A 38 20.08 -8.07 -17.77
N PRO A 39 19.77 -8.90 -16.77
CA PRO A 39 19.61 -10.33 -17.07
C PRO A 39 18.62 -10.51 -18.22
N GLN A 40 18.79 -11.58 -19.00
CA GLN A 40 17.86 -11.85 -20.08
C GLN A 40 16.62 -12.55 -19.56
N HIS A 41 15.51 -12.41 -20.27
CA HIS A 41 14.27 -13.07 -19.88
C HIS A 41 14.53 -14.57 -19.73
N THR A 42 13.69 -15.24 -18.95
CA THR A 42 13.85 -16.67 -18.74
C THR A 42 13.72 -17.44 -20.05
N SER A 43 13.08 -16.83 -21.04
CA SER A 43 12.88 -17.44 -22.34
C SER A 43 14.09 -17.17 -23.24
N LYS A 44 14.88 -16.18 -22.85
CA LYS A 44 16.07 -15.77 -23.59
C LYS A 44 15.70 -15.12 -24.92
N ALA A 45 14.50 -14.56 -24.97
CA ALA A 45 14.10 -13.75 -26.11
C ALA A 45 15.05 -12.56 -26.19
N ALA A 46 15.22 -12.02 -27.38
CA ALA A 46 16.10 -10.88 -27.56
C ALA A 46 15.30 -9.70 -28.09
N ALA A 47 15.74 -8.50 -27.74
CA ALA A 47 15.05 -7.29 -28.17
C ALA A 47 14.92 -7.26 -29.69
N PRO A 48 13.94 -6.49 -30.19
CA PRO A 48 13.70 -6.39 -31.63
C PRO A 48 14.49 -5.20 -32.18
N ARG A 49 15.17 -5.39 -33.29
CA ARG A 49 15.90 -4.30 -33.91
C ARG A 49 14.93 -3.20 -34.35
N ILE A 50 15.03 -2.04 -33.71
CA ILE A 50 14.21 -0.89 -34.06
C ILE A 50 15.08 0.36 -34.04
N PRO A 51 15.08 1.12 -35.14
CA PRO A 51 15.89 2.34 -35.17
C PRO A 51 15.56 3.22 -33.98
N ALA A 52 16.54 3.98 -33.49
CA ALA A 52 16.30 4.85 -32.34
C ALA A 52 15.27 5.92 -32.69
N ASP A 53 15.05 6.12 -33.99
CA ASP A 53 14.14 7.16 -34.45
C ASP A 53 12.71 6.66 -34.63
N ARG A 54 12.51 5.35 -34.60
CA ARG A 54 11.17 4.78 -34.71
C ARG A 54 10.64 4.39 -33.32
N LEU A 55 11.48 4.50 -32.31
CA LEU A 55 11.13 4.09 -30.96
C LEU A 55 10.31 5.16 -30.24
N PRO A 56 9.50 4.74 -29.26
CA PRO A 56 8.93 5.69 -28.30
C PRO A 56 10.03 6.22 -27.39
N ASN A 57 10.18 7.54 -27.31
CA ASN A 57 11.09 8.12 -26.33
C ASN A 57 10.62 7.82 -24.91
N HIS A 58 9.31 7.76 -24.74
CA HIS A 58 8.70 7.73 -23.41
C HIS A 58 7.49 6.81 -23.35
N VAL A 59 7.64 5.66 -22.70
CA VAL A 59 6.55 4.72 -22.53
C VAL A 59 5.93 4.88 -21.14
N ALA A 60 4.68 5.29 -21.09
CA ALA A 60 3.92 5.30 -19.84
C ALA A 60 3.11 4.01 -19.75
N ILE A 61 3.16 3.35 -18.59
CA ILE A 61 2.52 2.06 -18.40
C ILE A 61 1.57 2.06 -17.20
N VAL A 62 0.30 1.75 -17.47
CA VAL A 62 -0.68 1.57 -16.40
C VAL A 62 -0.81 0.09 -16.04
N MET A 63 -0.09 -0.30 -15.00
CA MET A 63 -0.15 -1.67 -14.51
C MET A 63 -1.56 -1.94 -14.01
N ASP A 64 -2.11 -3.09 -14.39
CA ASP A 64 -3.52 -3.34 -14.16
C ASP A 64 -3.85 -4.83 -14.09
N GLY A 65 -4.58 -5.24 -13.05
CA GLY A 65 -5.11 -6.58 -12.98
C GLY A 65 -4.47 -7.51 -11.96
N ASN A 66 -3.75 -6.95 -11.00
CA ASN A 66 -3.13 -7.75 -9.95
C ASN A 66 -4.19 -8.28 -9.00
N GLY A 67 -5.04 -7.38 -8.53
CA GLY A 67 -6.14 -7.74 -7.66
C GLY A 67 -6.99 -8.82 -8.30
N ARG A 68 -7.22 -8.69 -9.60
CA ARG A 68 -8.06 -9.64 -10.33
C ARG A 68 -7.30 -10.91 -10.71
N TRP A 69 -5.99 -10.84 -10.75
CA TRP A 69 -5.17 -12.00 -11.08
C TRP A 69 -5.24 -12.98 -9.91
N ALA A 70 -5.19 -12.44 -8.70
CA ALA A 70 -5.28 -13.25 -7.49
C ALA A 70 -6.66 -13.86 -7.37
N THR A 71 -7.69 -13.06 -7.65
CA THR A 71 -9.07 -13.46 -7.38
C THR A 71 -9.60 -14.63 -8.21
N GLN A 72 -9.05 -14.84 -9.40
CA GLN A 72 -9.45 -15.97 -10.24
C GLN A 72 -8.82 -17.26 -9.73
N ARG A 73 -8.07 -17.15 -8.63
CA ARG A 73 -7.29 -18.27 -8.12
C ARG A 73 -7.69 -18.63 -6.69
N GLY A 74 -8.60 -17.85 -6.11
CA GLY A 74 -9.04 -18.08 -4.75
C GLY A 74 -8.14 -17.40 -3.74
N LEU A 75 -7.47 -16.34 -4.18
CA LEU A 75 -6.47 -15.67 -3.35
C LEU A 75 -6.95 -14.29 -2.93
N ALA A 76 -6.16 -13.63 -2.07
CA ALA A 76 -6.45 -12.27 -1.65
C ALA A 76 -5.95 -11.31 -2.73
N ARG A 77 -6.73 -10.26 -2.98
CA ARG A 77 -6.38 -9.26 -3.99
C ARG A 77 -4.89 -8.92 -3.98
N THR A 78 -4.35 -8.74 -2.79
CA THR A 78 -3.03 -8.15 -2.60
C THR A 78 -1.86 -9.06 -3.03
N GLU A 79 -2.12 -10.35 -3.14
CA GLU A 79 -1.08 -11.30 -3.49
C GLU A 79 -0.71 -11.19 -4.97
N GLY A 80 -1.65 -10.75 -5.78
CA GLY A 80 -1.40 -10.52 -7.19
C GLY A 80 -0.36 -9.42 -7.36
N HIS A 81 -0.47 -8.38 -6.54
CA HIS A 81 0.48 -7.27 -6.58
C HIS A 81 1.90 -7.74 -6.29
N LYS A 82 2.02 -8.89 -5.63
CA LYS A 82 3.33 -9.45 -5.31
C LYS A 82 3.96 -10.11 -6.53
N MET A 83 3.12 -10.66 -7.41
CA MET A 83 3.60 -11.19 -8.68
C MET A 83 3.85 -10.03 -9.65
N GLY A 84 3.57 -8.81 -9.19
CA GLY A 84 3.72 -7.63 -10.02
C GLY A 84 5.12 -7.04 -9.94
N GLU A 85 5.71 -7.09 -8.76
CA GLU A 85 7.05 -6.55 -8.55
C GLU A 85 8.07 -7.17 -9.50
N ALA A 86 7.87 -8.45 -9.81
CA ALA A 86 8.79 -9.17 -10.69
C ALA A 86 8.58 -8.73 -12.13
N VAL A 87 7.34 -8.47 -12.48
CA VAL A 87 7.02 -8.04 -13.84
C VAL A 87 7.55 -6.63 -14.07
N VAL A 88 7.45 -5.78 -13.07
CA VAL A 88 7.99 -4.43 -13.14
C VAL A 88 9.45 -4.48 -13.56
N ILE A 89 10.26 -5.11 -12.72
CA ILE A 89 11.71 -5.21 -12.95
C ILE A 89 12.02 -5.90 -14.26
N ASP A 90 11.16 -6.84 -14.66
CA ASP A 90 11.32 -7.52 -15.94
C ASP A 90 11.22 -6.49 -17.07
N ILE A 91 10.07 -5.83 -17.14
CA ILE A 91 9.83 -4.79 -18.13
C ILE A 91 10.92 -3.73 -18.12
N ALA A 92 11.48 -3.45 -16.94
CA ALA A 92 12.55 -2.48 -16.82
C ALA A 92 13.79 -3.00 -17.54
N CYS A 93 14.12 -4.27 -17.31
CA CYS A 93 15.23 -4.91 -18.00
C CYS A 93 14.96 -5.00 -19.49
N GLY A 94 13.68 -4.97 -19.86
CA GLY A 94 13.29 -5.07 -21.25
C GLY A 94 13.48 -3.74 -21.97
N ALA A 95 13.17 -2.66 -21.28
CA ALA A 95 13.28 -1.33 -21.88
C ALA A 95 14.74 -0.97 -22.08
N ILE A 96 15.57 -1.27 -21.08
CA ILE A 96 17.00 -1.07 -21.20
C ILE A 96 17.50 -1.78 -22.45
N GLU A 97 17.24 -3.08 -22.54
CA GLU A 97 17.62 -3.88 -23.71
C GLU A 97 17.08 -3.27 -25.00
N LEU A 98 15.88 -2.71 -24.94
CA LEU A 98 15.18 -2.25 -26.13
C LEU A 98 15.68 -0.88 -26.61
N GLY A 99 16.28 -0.11 -25.70
CA GLY A 99 16.76 1.21 -26.04
C GLY A 99 15.70 2.28 -25.80
N ILE A 100 15.05 2.20 -24.65
CA ILE A 100 13.99 3.14 -24.29
C ILE A 100 14.50 4.10 -23.21
N LYS A 101 14.23 5.39 -23.37
CA LYS A 101 14.86 6.41 -22.52
C LYS A 101 14.04 6.80 -21.29
N TRP A 102 12.71 6.79 -21.42
CA TRP A 102 11.83 7.21 -20.34
C TRP A 102 10.71 6.20 -20.12
N LEU A 103 10.50 5.80 -18.88
CA LEU A 103 9.47 4.83 -18.52
C LEU A 103 8.72 5.29 -17.29
N SER A 104 7.41 5.52 -17.44
CA SER A 104 6.57 5.90 -16.32
C SER A 104 5.76 4.70 -15.83
N LEU A 105 5.68 4.51 -14.52
CA LEU A 105 4.95 3.40 -13.93
C LEU A 105 3.93 3.89 -12.90
N TYR A 106 2.66 3.53 -13.12
CA TYR A 106 1.57 3.99 -12.27
C TYR A 106 1.34 3.05 -11.09
N ALA A 107 2.19 3.19 -10.08
CA ALA A 107 2.15 2.34 -8.90
C ALA A 107 0.90 2.57 -8.05
N PHE A 108 0.43 3.82 -8.00
CA PHE A 108 -0.62 4.21 -7.06
C PHE A 108 -1.08 5.63 -7.32
N SER A 109 -2.40 5.82 -7.48
CA SER A 109 -2.95 7.13 -7.81
C SER A 109 -3.55 7.84 -6.60
N THR A 110 -3.93 9.09 -6.79
CA THR A 110 -4.62 9.86 -5.75
C THR A 110 -6.05 9.38 -5.58
N GLU A 111 -6.39 8.30 -6.29
CA GLU A 111 -7.76 7.79 -6.30
C GLU A 111 -7.85 6.38 -5.70
N ASN A 112 -6.70 5.76 -5.41
CA ASN A 112 -6.68 4.42 -4.85
C ASN A 112 -6.97 4.41 -3.34
N TRP A 113 -7.25 5.58 -2.78
CA TRP A 113 -7.64 5.67 -1.37
C TRP A 113 -9.08 5.19 -1.18
N LYS A 114 -9.85 5.17 -2.26
CA LYS A 114 -11.24 4.72 -2.20
C LYS A 114 -11.32 3.26 -1.75
N ARG A 115 -10.31 2.48 -2.13
CA ARG A 115 -10.25 1.07 -1.79
C ARG A 115 -10.18 0.88 -0.27
N SER A 116 -10.04 -0.36 0.16
CA SER A 116 -10.05 -0.68 1.59
C SER A 116 -8.77 -0.24 2.27
N PRO A 117 -8.82 0.00 3.59
CA PRO A 117 -7.63 0.38 4.35
C PRO A 117 -6.66 -0.78 4.39
N GLU A 118 -7.17 -1.99 4.22
CA GLU A 118 -6.34 -3.18 4.24
C GLU A 118 -5.47 -3.24 3.00
N GLU A 119 -6.03 -2.86 1.85
CA GLU A 119 -5.28 -2.89 0.60
C GLU A 119 -4.40 -1.65 0.46
N VAL A 120 -4.90 -0.49 0.89
CA VAL A 120 -4.13 0.74 0.84
C VAL A 120 -2.92 0.65 1.76
N ARG A 121 -3.09 -0.07 2.87
CA ARG A 121 -2.03 -0.23 3.86
C ARG A 121 -0.99 -1.22 3.36
N PHE A 122 -1.40 -2.15 2.52
CA PHE A 122 -0.49 -3.13 1.95
C PHE A 122 0.33 -2.51 0.82
N LEU A 123 -0.33 -1.72 -0.01
CA LEU A 123 0.33 -1.10 -1.17
C LEU A 123 1.36 -0.08 -0.72
N MET A 124 1.02 0.71 0.28
CA MET A 124 1.91 1.73 0.81
C MET A 124 3.21 1.12 1.32
N GLY A 125 3.08 0.04 2.08
CA GLY A 125 4.23 -0.60 2.68
C GLY A 125 4.96 -1.53 1.73
N PHE A 126 4.29 -1.93 0.65
CA PHE A 126 4.91 -2.79 -0.35
C PHE A 126 5.69 -1.97 -1.36
N ASN A 127 5.28 -0.72 -1.59
CA ASN A 127 6.02 0.18 -2.45
C ASN A 127 7.28 0.64 -1.73
N ARG A 128 7.13 0.89 -0.43
CA ARG A 128 8.24 1.29 0.43
C ARG A 128 9.35 0.25 0.41
N ASP A 129 8.97 -1.01 0.57
CA ASP A 129 9.94 -2.10 0.62
C ASP A 129 10.54 -2.36 -0.75
N VAL A 130 9.67 -2.60 -1.74
CA VAL A 130 10.10 -2.76 -3.11
C VAL A 130 11.24 -1.79 -3.43
N VAL A 131 10.97 -0.50 -3.29
CA VAL A 131 11.96 0.55 -3.53
C VAL A 131 13.31 0.24 -2.88
N ARG A 132 13.31 0.04 -1.57
CA ARG A 132 14.54 -0.26 -0.83
C ARG A 132 15.23 -1.53 -1.33
N ARG A 133 14.42 -2.50 -1.75
CA ARG A 133 14.95 -3.79 -2.19
C ARG A 133 15.60 -3.68 -3.57
N ARG A 134 15.11 -2.73 -4.37
CA ARG A 134 15.51 -2.65 -5.77
C ARG A 134 16.48 -1.49 -6.07
N ARG A 135 16.63 -0.59 -5.10
CA ARG A 135 17.43 0.63 -5.32
C ARG A 135 18.83 0.35 -5.86
N ASP A 136 19.43 -0.73 -5.40
CA ASP A 136 20.82 -1.00 -5.75
C ASP A 136 20.90 -1.84 -7.02
N THR A 137 19.87 -2.62 -7.27
CA THR A 137 19.76 -3.33 -8.54
C THR A 137 19.58 -2.32 -9.67
N LEU A 138 18.53 -1.51 -9.54
CA LEU A 138 18.21 -0.48 -10.52
C LEU A 138 19.39 0.45 -10.76
N LYS A 139 19.96 0.96 -9.69
CA LYS A 139 21.13 1.83 -9.76
C LYS A 139 22.18 1.26 -10.72
N LYS A 140 22.64 0.05 -10.43
CA LYS A 140 23.74 -0.56 -11.16
C LYS A 140 23.45 -0.74 -12.65
N LEU A 141 22.18 -0.85 -13.01
CA LEU A 141 21.78 -1.19 -14.38
C LEU A 141 21.83 0.01 -15.32
N GLY A 142 21.81 1.22 -14.76
CA GLY A 142 21.82 2.42 -15.56
C GLY A 142 20.54 3.23 -15.39
N VAL A 143 19.74 2.87 -14.39
CA VAL A 143 18.44 3.49 -14.18
C VAL A 143 18.55 4.77 -13.35
N ARG A 144 17.76 5.77 -13.71
CA ARG A 144 17.63 6.97 -12.88
C ARG A 144 16.18 7.06 -12.43
N ILE A 145 15.95 6.75 -11.16
CA ILE A 145 14.61 6.66 -10.63
C ILE A 145 14.37 7.74 -9.59
N ARG A 146 13.09 8.08 -9.40
CA ARG A 146 12.70 9.08 -8.42
C ARG A 146 11.19 9.05 -8.26
N TRP A 147 10.69 9.68 -7.20
CA TRP A 147 9.26 9.70 -6.92
C TRP A 147 8.54 10.79 -7.71
N VAL A 148 7.50 10.40 -8.44
CA VAL A 148 6.59 11.36 -9.07
C VAL A 148 5.20 11.15 -8.49
N GLY A 149 4.68 12.17 -7.82
CA GLY A 149 3.35 12.10 -7.24
C GLY A 149 3.06 13.24 -6.29
N SER A 150 1.91 13.14 -5.62
CA SER A 150 1.44 14.17 -4.70
C SER A 150 1.71 13.76 -3.26
N ARG A 151 1.80 14.74 -2.37
CA ARG A 151 2.26 14.49 -1.00
C ARG A 151 1.15 14.23 0.02
N PRO A 152 -0.01 14.90 -0.14
CA PRO A 152 -1.11 14.70 0.81
C PRO A 152 -1.51 13.24 1.05
N ARG A 153 -1.38 12.81 2.30
CA ARG A 153 -1.84 11.50 2.78
C ARG A 153 -0.93 10.33 2.38
N LEU A 154 0.20 10.62 1.75
CA LEU A 154 1.12 9.56 1.33
C LEU A 154 2.10 9.22 2.45
N TRP A 155 2.18 7.94 2.78
CA TRP A 155 3.09 7.47 3.80
C TRP A 155 4.47 8.09 3.58
N ARG A 156 4.95 8.81 4.58
CA ARG A 156 6.23 9.49 4.53
C ARG A 156 7.35 8.53 4.14
N SER A 157 7.23 7.29 4.59
CA SER A 157 8.28 6.29 4.39
C SER A 157 8.50 6.00 2.91
N VAL A 158 7.48 6.24 2.10
CA VAL A 158 7.58 6.03 0.67
C VAL A 158 8.35 7.17 0.01
N ILE A 159 8.13 8.38 0.51
CA ILE A 159 8.81 9.56 0.00
C ILE A 159 10.30 9.53 0.34
N ASN A 160 10.62 8.88 1.45
CA ASN A 160 12.00 8.82 1.92
C ASN A 160 12.84 7.85 1.09
N GLU A 161 12.43 6.58 1.09
CA GLU A 161 13.17 5.53 0.38
C GLU A 161 13.50 5.94 -1.05
N LEU A 162 12.60 6.69 -1.67
CA LEU A 162 12.74 7.08 -3.07
C LEU A 162 13.66 8.28 -3.26
N ALA A 163 13.77 9.13 -2.24
CA ALA A 163 14.74 10.21 -2.24
C ALA A 163 16.13 9.68 -1.87
N VAL A 164 16.17 8.53 -1.22
CA VAL A 164 17.40 7.79 -1.07
C VAL A 164 17.74 7.25 -2.46
N ALA A 165 16.73 6.74 -3.12
CA ALA A 165 16.88 6.14 -4.45
C ALA A 165 17.20 7.19 -5.50
N GLU A 166 16.77 8.43 -5.26
CA GLU A 166 17.03 9.51 -6.19
C GLU A 166 18.46 10.01 -6.05
N GLU A 167 18.98 9.94 -4.82
CA GLU A 167 20.32 10.45 -4.53
C GLU A 167 21.39 9.53 -5.11
N MET A 168 21.11 8.23 -5.13
CA MET A 168 22.05 7.25 -5.64
C MET A 168 22.11 7.29 -7.17
N THR A 169 20.99 7.66 -7.78
CA THR A 169 20.84 7.48 -9.23
C THR A 169 20.70 8.78 -10.01
N LYS A 170 20.97 9.92 -9.38
CA LYS A 170 20.81 11.22 -10.03
C LYS A 170 21.93 11.50 -11.04
N SER A 171 22.67 10.47 -11.43
CA SER A 171 23.71 10.62 -12.45
C SER A 171 23.72 9.49 -13.47
N ASN A 172 22.93 8.44 -13.21
CA ASN A 172 22.72 7.37 -14.19
C ASN A 172 21.91 7.87 -15.37
N ASP A 173 22.09 7.27 -16.54
CA ASP A 173 21.38 7.73 -17.73
C ASP A 173 21.19 6.68 -18.83
N VAL A 174 21.25 5.40 -18.48
CA VAL A 174 20.83 4.37 -19.43
C VAL A 174 19.34 4.55 -19.70
N ILE A 175 18.58 4.73 -18.62
CA ILE A 175 17.15 4.96 -18.72
C ILE A 175 16.65 5.67 -17.45
N THR A 176 15.53 6.37 -17.57
CA THR A 176 14.91 7.04 -16.44
C THR A 176 13.54 6.45 -16.12
N ILE A 177 13.29 6.13 -14.86
CA ILE A 177 11.97 5.70 -14.43
C ILE A 177 11.31 6.75 -13.54
N ASN A 178 10.05 7.04 -13.83
CA ASN A 178 9.23 7.88 -12.96
C ASN A 178 8.29 6.97 -12.17
N TYR A 179 8.63 6.69 -10.91
CA TYR A 179 7.84 5.79 -10.10
C TYR A 179 6.70 6.57 -9.46
N CYS A 180 5.52 6.47 -10.07
CA CYS A 180 4.39 7.28 -9.69
C CYS A 180 3.63 6.71 -8.50
N VAL A 181 3.65 7.44 -7.39
CA VAL A 181 2.95 7.04 -6.18
C VAL A 181 2.13 8.21 -5.64
N ASN A 182 0.89 7.93 -5.27
CA ASN A 182 -0.10 8.97 -5.03
C ASN A 182 -0.11 10.00 -6.17
N TYR A 183 0.04 9.52 -7.39
CA TYR A 183 -0.01 10.39 -8.56
C TYR A 183 -1.42 10.60 -9.07
N GLY A 184 -1.79 11.87 -9.22
CA GLY A 184 -3.03 12.26 -9.89
C GLY A 184 -2.72 13.34 -10.90
N GLY A 185 -3.30 13.23 -12.09
CA GLY A 185 -3.03 14.16 -13.17
C GLY A 185 -3.46 15.58 -12.84
N ARG A 186 -4.74 15.74 -12.50
CA ARG A 186 -5.28 17.05 -12.18
C ARG A 186 -4.61 17.62 -10.93
N THR A 187 -4.20 16.75 -10.03
CA THR A 187 -3.59 17.18 -8.77
C THR A 187 -2.19 17.73 -9.02
N GLU A 188 -1.53 17.21 -10.05
CA GLU A 188 -0.18 17.63 -10.39
C GLU A 188 -0.22 18.97 -11.12
N ILE A 189 -1.28 19.16 -11.90
CA ILE A 189 -1.50 20.41 -12.62
C ILE A 189 -1.96 21.49 -11.66
N THR A 190 -2.67 21.05 -10.61
CA THR A 190 -3.08 21.91 -9.51
C THR A 190 -1.87 22.36 -8.69
N GLU A 191 -0.94 21.44 -8.47
CA GLU A 191 0.27 21.74 -7.70
C GLU A 191 1.12 22.82 -8.37
N ALA A 192 1.07 22.90 -9.69
CA ALA A 192 1.92 23.81 -10.45
C ALA A 192 1.28 25.18 -10.61
N THR A 193 -0.05 25.22 -10.64
CA THR A 193 -0.77 26.48 -10.77
C THR A 193 -0.49 27.39 -9.58
N ARG A 194 -0.13 26.80 -8.44
CA ARG A 194 0.24 27.60 -7.26
C ARG A 194 1.75 27.70 -7.12
N GLU A 195 2.48 26.79 -7.75
CA GLU A 195 3.89 27.01 -8.00
C GLU A 195 3.96 28.35 -8.71
N ILE A 196 2.93 28.59 -9.51
CA ILE A 196 2.84 29.77 -10.36
C ILE A 196 2.23 30.95 -9.62
N ALA A 197 1.10 30.75 -8.98
CA ALA A 197 0.43 31.81 -8.24
C ALA A 197 1.37 32.33 -7.16
N ARG A 198 2.24 31.46 -6.67
CA ARG A 198 3.21 31.84 -5.65
C ARG A 198 4.24 32.82 -6.20
N GLU A 199 4.79 32.51 -7.38
CA GLU A 199 5.73 33.40 -8.04
C GLU A 199 5.07 34.73 -8.38
N VAL A 200 3.85 34.68 -8.89
CA VAL A 200 3.09 35.89 -9.19
C VAL A 200 2.92 36.74 -7.93
N ALA A 201 2.79 36.08 -6.79
CA ALA A 201 2.67 36.78 -5.52
C ALA A 201 4.00 37.42 -5.16
N ALA A 202 5.09 36.77 -5.55
CA ALA A 202 6.43 37.33 -5.40
C ALA A 202 6.75 38.22 -6.59
N GLY A 203 5.72 38.63 -7.33
CA GLY A 203 5.88 39.46 -8.50
C GLY A 203 7.03 39.02 -9.39
N ARG A 204 7.36 37.74 -9.29
CA ARG A 204 8.47 37.16 -10.05
C ARG A 204 7.98 36.54 -11.36
N LEU A 205 6.77 36.90 -11.78
CA LEU A 205 6.20 36.34 -13.00
C LEU A 205 4.99 37.16 -13.46
N ASN A 206 4.95 37.45 -14.76
CA ASN A 206 3.86 38.22 -15.34
C ASN A 206 2.69 37.33 -15.72
N PRO A 207 1.48 37.65 -15.23
CA PRO A 207 0.32 36.79 -15.48
C PRO A 207 -0.20 36.85 -16.91
N GLU A 208 0.46 37.62 -17.78
CA GLU A 208 0.03 37.77 -19.16
C GLU A 208 1.06 37.16 -20.11
N ARG A 209 2.15 36.66 -19.52
CA ARG A 209 3.20 36.00 -20.29
C ARG A 209 3.22 34.51 -19.97
N ILE A 210 2.09 34.01 -19.46
CA ILE A 210 1.95 32.61 -19.08
C ILE A 210 1.66 31.73 -20.30
N THR A 211 2.44 30.67 -20.45
CA THR A 211 2.35 29.79 -21.61
C THR A 211 2.18 28.35 -21.14
N GLU A 212 1.88 27.44 -22.07
CA GLU A 212 1.83 26.02 -21.76
C GLU A 212 3.17 25.55 -21.25
N SER A 213 4.23 26.24 -21.68
CA SER A 213 5.57 25.92 -21.24
C SER A 213 5.70 26.35 -19.79
N THR A 214 5.20 27.53 -19.49
CA THR A 214 5.24 28.05 -18.12
C THR A 214 4.67 27.01 -17.16
N ILE A 215 3.53 26.43 -17.52
CA ILE A 215 2.92 25.37 -16.71
C ILE A 215 3.81 24.13 -16.69
N ALA A 216 4.35 23.79 -17.86
CA ALA A 216 5.14 22.58 -18.00
C ALA A 216 6.44 22.69 -17.21
N ARG A 217 6.83 23.93 -16.89
CA ARG A 217 8.08 24.18 -16.19
C ARG A 217 7.86 24.20 -14.68
N HIS A 218 6.60 24.09 -14.26
CA HIS A 218 6.26 24.16 -12.85
C HIS A 218 5.57 22.90 -12.37
N LEU A 219 5.61 21.85 -13.18
CA LEU A 219 5.15 20.55 -12.75
C LEU A 219 6.21 20.00 -11.80
N GLN A 220 5.82 19.05 -10.97
CA GLN A 220 6.76 18.44 -10.04
C GLN A 220 8.07 18.12 -10.75
N ARG A 221 8.01 17.17 -11.68
CA ARG A 221 9.18 16.79 -12.47
C ARG A 221 9.09 17.41 -13.86
N PRO A 222 9.89 18.46 -14.11
CA PRO A 222 9.70 19.31 -15.28
C PRO A 222 10.46 18.83 -16.53
N ASP A 223 11.30 17.82 -16.37
CA ASP A 223 12.08 17.28 -17.49
C ASP A 223 11.43 16.05 -18.11
N ILE A 224 10.27 15.65 -17.58
CA ILE A 224 9.52 14.53 -18.12
C ILE A 224 8.90 14.92 -19.46
N PRO A 225 9.38 14.32 -20.56
CA PRO A 225 8.89 14.72 -21.88
C PRO A 225 7.46 14.25 -22.08
N ASP A 226 6.91 14.48 -23.28
CA ASP A 226 5.57 14.00 -23.60
C ASP A 226 5.59 12.49 -23.72
N VAL A 227 4.46 11.86 -23.42
CA VAL A 227 4.32 10.42 -23.47
C VAL A 227 3.99 9.99 -24.88
N ASP A 228 4.88 9.17 -25.45
CA ASP A 228 4.71 8.72 -26.82
C ASP A 228 3.71 7.56 -26.90
N LEU A 229 3.84 6.59 -25.99
CA LEU A 229 3.02 5.39 -26.05
C LEU A 229 2.42 5.05 -24.68
N PHE A 230 1.12 4.76 -24.67
CA PHE A 230 0.38 4.59 -23.44
C PHE A 230 -0.13 3.16 -23.27
N LEU A 231 0.72 2.30 -22.71
CA LEU A 231 0.32 0.92 -22.43
C LEU A 231 -0.62 0.90 -21.23
N ARG A 232 -1.73 0.16 -21.37
CA ARG A 232 -2.71 0.02 -20.31
C ARG A 232 -3.21 -1.41 -20.30
N THR A 233 -3.02 -2.09 -19.18
CA THR A 233 -3.08 -3.54 -19.13
C THR A 233 -4.41 -4.12 -18.66
N SER A 234 -4.67 -5.35 -19.08
CA SER A 234 -5.80 -6.15 -18.59
C SER A 234 -7.14 -5.82 -19.24
N GLY A 235 -7.12 -5.17 -20.40
CA GLY A 235 -8.35 -5.00 -21.17
C GLY A 235 -9.03 -3.67 -20.96
N GLU A 236 -8.69 -2.99 -19.86
CA GLU A 236 -9.28 -1.69 -19.55
C GLU A 236 -8.82 -0.63 -20.54
N GLN A 237 -9.73 0.25 -20.93
CA GLN A 237 -9.43 1.29 -21.90
C GLN A 237 -9.69 2.69 -21.32
N ARG A 238 -8.73 3.18 -20.53
CA ARG A 238 -8.82 4.52 -19.97
C ARG A 238 -7.44 4.96 -19.48
N SER A 239 -7.20 6.26 -19.44
CA SER A 239 -5.95 6.78 -18.93
C SER A 239 -5.95 6.80 -17.40
N SER A 240 -7.11 7.04 -16.82
CA SER A 240 -7.27 7.05 -15.37
C SER A 240 -6.33 8.04 -14.68
N ASN A 241 -6.35 9.28 -15.15
CA ASN A 241 -5.64 10.36 -14.48
C ASN A 241 -4.13 10.25 -14.58
N PHE A 242 -3.64 9.42 -15.50
CA PHE A 242 -2.21 9.15 -15.60
C PHE A 242 -1.55 10.04 -16.65
N MET A 243 -0.47 10.70 -16.26
CA MET A 243 0.20 11.67 -17.13
C MET A 243 -0.84 12.38 -17.98
N LEU A 244 -1.62 13.24 -17.33
CA LEU A 244 -2.68 13.98 -18.01
C LEU A 244 -2.08 14.99 -18.98
N TRP A 245 -1.27 15.89 -18.45
CA TRP A 245 -0.59 16.90 -19.26
C TRP A 245 0.35 16.22 -20.25
N GLN A 246 1.21 15.34 -19.73
CA GLN A 246 2.29 14.76 -20.51
C GLN A 246 1.79 13.90 -21.67
N ALA A 247 0.71 13.16 -21.43
CA ALA A 247 0.25 12.15 -22.40
C ALA A 247 -0.87 12.63 -23.32
N ALA A 248 -1.04 13.94 -23.44
CA ALA A 248 -2.05 14.51 -24.33
C ALA A 248 -2.07 13.82 -25.69
N TYR A 249 -1.03 14.03 -26.48
CA TYR A 249 -0.97 13.49 -27.83
C TYR A 249 -0.42 12.07 -27.88
N ALA A 250 -0.75 11.27 -26.86
CA ALA A 250 -0.21 9.92 -26.77
C ALA A 250 -1.00 8.95 -27.63
N GLU A 251 -0.31 7.94 -28.15
CA GLU A 251 -0.96 6.85 -28.86
C GLU A 251 -1.27 5.76 -27.84
N TYR A 252 -2.48 5.23 -27.88
CA TYR A 252 -2.92 4.26 -26.88
C TYR A 252 -2.87 2.83 -27.41
N ILE A 253 -2.46 1.91 -26.54
CA ILE A 253 -2.44 0.49 -26.86
C ILE A 253 -2.87 -0.32 -25.64
N PHE A 254 -3.99 -1.02 -25.75
CA PHE A 254 -4.59 -1.72 -24.62
C PHE A 254 -4.42 -3.23 -24.72
N GLN A 255 -3.53 -3.79 -23.91
CA GLN A 255 -3.32 -5.23 -23.85
C GLN A 255 -4.31 -5.84 -22.86
N ASP A 256 -4.85 -7.01 -23.20
CA ASP A 256 -5.90 -7.64 -22.41
C ASP A 256 -5.33 -8.61 -21.37
N LYS A 257 -4.02 -8.57 -21.21
CA LYS A 257 -3.31 -9.50 -20.33
C LYS A 257 -3.08 -8.92 -18.94
N LEU A 258 -3.55 -9.61 -17.91
CA LEU A 258 -3.36 -9.16 -16.54
C LEU A 258 -1.87 -8.94 -16.26
N TRP A 259 -1.56 -7.93 -15.46
CA TRP A 259 -0.19 -7.47 -15.28
C TRP A 259 0.76 -8.55 -14.79
N PRO A 260 0.29 -9.44 -13.89
CA PRO A 260 1.18 -10.47 -13.37
C PRO A 260 1.46 -11.59 -14.37
N ASP A 261 0.67 -11.64 -15.45
CA ASP A 261 0.88 -12.59 -16.54
C ASP A 261 1.74 -11.95 -17.61
N TYR A 262 2.28 -10.78 -17.30
CA TYR A 262 2.95 -9.92 -18.26
C TYR A 262 4.44 -10.17 -18.20
N ASP A 263 5.14 -9.81 -19.28
CA ASP A 263 6.59 -9.96 -19.34
C ASP A 263 7.18 -9.03 -20.40
N ARG A 264 8.50 -8.92 -20.43
CA ARG A 264 9.16 -7.93 -21.29
C ARG A 264 8.87 -8.12 -22.78
N ARG A 265 8.71 -9.36 -23.22
CA ARG A 265 8.40 -9.63 -24.63
C ARG A 265 7.09 -8.95 -25.03
N ASP A 266 6.22 -8.73 -24.05
CA ASP A 266 4.97 -8.02 -24.26
C ASP A 266 5.22 -6.54 -24.49
N LEU A 267 6.16 -5.99 -23.72
CA LEU A 267 6.56 -4.60 -23.89
C LEU A 267 7.13 -4.41 -25.30
N TRP A 268 7.91 -5.38 -25.76
CA TRP A 268 8.52 -5.32 -27.07
C TRP A 268 7.49 -5.46 -28.18
N ALA A 269 6.44 -6.23 -27.93
CA ALA A 269 5.38 -6.39 -28.91
C ALA A 269 4.74 -5.04 -29.19
N ALA A 270 4.31 -4.35 -28.13
CA ALA A 270 3.68 -3.04 -28.27
C ALA A 270 4.61 -2.04 -28.94
N CYS A 271 5.82 -1.89 -28.42
CA CYS A 271 6.76 -0.92 -28.95
C CYS A 271 6.95 -1.13 -30.45
N GLU A 272 7.07 -2.38 -30.88
CA GLU A 272 7.18 -2.67 -32.31
C GLU A 272 5.95 -2.12 -33.02
N GLU A 273 4.77 -2.50 -32.55
CA GLU A 273 3.51 -1.96 -33.04
C GLU A 273 3.60 -0.44 -33.29
N TYR A 274 4.11 0.29 -32.30
CA TYR A 274 4.26 1.74 -32.39
C TYR A 274 5.22 2.16 -33.51
N ALA A 275 6.43 1.62 -33.47
CA ALA A 275 7.48 1.98 -34.42
C ALA A 275 7.14 1.63 -35.86
N SER A 276 6.70 0.41 -36.08
CA SER A 276 6.44 -0.11 -37.43
C SER A 276 5.35 0.66 -38.16
N ARG A 277 4.57 1.46 -37.43
CA ARG A 277 3.42 2.14 -38.02
C ARG A 277 3.80 3.44 -38.70
N THR A 278 3.07 3.77 -39.77
CA THR A 278 3.30 5.00 -40.52
C THR A 278 2.84 6.20 -39.72
N ARG A 279 3.81 7.02 -39.30
CA ARG A 279 3.50 8.23 -38.58
C ARG A 279 2.61 9.11 -39.44
N ARG A 280 1.39 9.35 -38.99
CA ARG A 280 0.45 10.18 -39.75
C ARG A 280 0.85 11.65 -39.71
N PHE A 281 0.03 12.51 -40.31
CA PHE A 281 0.32 13.94 -40.36
C PHE A 281 0.28 14.53 -38.95
N GLY A 282 1.15 15.51 -38.70
CA GLY A 282 1.27 16.14 -37.41
C GLY A 282 1.75 15.21 -36.32
N SER A 283 1.87 13.93 -36.65
CA SER A 283 2.20 12.90 -35.67
C SER A 283 3.70 12.71 -35.50
N ALA A 284 4.17 12.91 -34.27
CA ALA A 284 5.57 12.71 -33.94
C ALA A 284 5.84 11.24 -33.64
N PHE B 1 -12.13 8.32 6.19
CA PHE B 1 -12.10 8.55 7.64
C PHE B 1 -13.21 7.79 8.35
N PRO B 2 -12.82 6.79 9.16
CA PRO B 2 -13.77 5.86 9.81
C PRO B 2 -14.37 6.38 11.10
N GLN B 3 -13.76 7.41 11.69
CA GLN B 3 -14.16 7.86 13.02
C GLN B 3 -15.59 8.38 13.05
N LEU B 4 -16.34 7.97 14.07
CA LEU B 4 -17.67 8.48 14.29
C LEU B 4 -17.59 9.88 14.90
N PRO B 5 -18.22 10.86 14.24
CA PRO B 5 -18.10 12.31 14.46
C PRO B 5 -18.09 12.73 15.93
N PRO B 6 -17.66 13.96 16.21
CA PRO B 6 -17.90 14.51 17.54
C PRO B 6 -19.40 14.43 17.84
N ALA B 7 -19.76 13.73 18.90
CA ALA B 7 -21.17 13.41 19.17
C ALA B 7 -22.00 14.64 19.53
N PRO B 8 -23.33 14.52 19.40
CA PRO B 8 -24.26 15.56 19.83
C PRO B 8 -23.97 15.98 21.26
N ASP B 9 -24.44 17.15 21.67
CA ASP B 9 -24.24 17.59 23.05
C ASP B 9 -25.20 16.84 23.95
N ASP B 10 -26.40 16.57 23.42
CA ASP B 10 -27.45 15.93 24.19
C ASP B 10 -27.36 14.40 24.19
N TYR B 11 -26.37 13.85 23.50
CA TYR B 11 -26.24 12.39 23.44
C TYR B 11 -25.84 11.86 24.81
N PRO B 12 -26.17 10.60 25.09
CA PRO B 12 -25.85 10.01 26.41
C PRO B 12 -24.37 9.71 26.59
N THR B 13 -23.91 9.65 27.83
CA THR B 13 -22.51 9.39 28.13
C THR B 13 -22.31 8.00 28.74
N PHE B 14 -21.06 7.69 29.07
CA PHE B 14 -20.70 6.44 29.73
C PHE B 14 -19.21 6.49 30.06
N PRO B 15 -18.81 5.94 31.22
CA PRO B 15 -19.63 5.21 32.19
C PRO B 15 -20.02 6.06 33.40
N ASP B 16 -21.19 5.82 33.96
CA ASP B 16 -21.56 6.45 35.23
C ASP B 16 -21.19 5.52 36.39
N THR B 17 -20.06 5.81 37.03
CA THR B 17 -19.51 4.93 38.05
C THR B 17 -20.16 5.14 39.41
N SER B 18 -21.31 5.80 39.41
CA SER B 18 -22.00 6.15 40.65
C SER B 18 -22.75 4.95 41.23
N THR B 19 -22.91 3.90 40.43
CA THR B 19 -23.60 2.70 40.90
C THR B 19 -22.87 1.44 40.45
N TRP B 20 -23.35 0.29 40.92
CA TRP B 20 -22.82 -0.99 40.48
C TRP B 20 -23.91 -2.05 40.40
N PRO B 21 -24.01 -2.72 39.24
CA PRO B 21 -23.23 -2.42 38.04
C PRO B 21 -23.58 -1.05 37.47
N VAL B 22 -22.69 -0.49 36.66
CA VAL B 22 -22.94 0.80 36.04
C VAL B 22 -24.05 0.66 35.00
N VAL B 23 -25.10 1.46 35.13
CA VAL B 23 -26.19 1.41 34.18
C VAL B 23 -25.70 1.73 32.78
N PHE B 24 -26.29 1.09 31.78
CA PHE B 24 -26.01 1.44 30.40
C PHE B 24 -27.18 2.23 29.85
N PRO B 25 -26.91 3.46 29.38
CA PRO B 25 -27.95 4.40 28.95
C PRO B 25 -28.83 3.86 27.84
N GLU B 26 -30.08 4.28 27.82
CA GLU B 26 -30.98 3.94 26.72
C GLU B 26 -30.57 4.77 25.51
N LEU B 27 -30.34 4.09 24.39
CA LEU B 27 -29.88 4.78 23.18
C LEU B 27 -31.01 4.94 22.18
N PRO B 28 -31.05 6.09 21.47
CA PRO B 28 -32.11 6.39 20.50
C PRO B 28 -32.15 5.40 19.34
N ALA B 29 -33.09 5.59 18.43
CA ALA B 29 -33.34 4.65 17.35
C ALA B 29 -32.29 4.73 16.24
N ALA B 30 -32.02 3.60 15.61
CA ALA B 30 -31.05 3.52 14.53
C ALA B 30 -31.45 4.42 13.37
N PRO B 31 -30.59 5.39 13.03
CA PRO B 31 -30.85 6.29 11.90
C PRO B 31 -30.92 5.55 10.57
N TYR B 32 -32.09 4.99 10.27
CA TYR B 32 -32.40 4.28 9.02
C TYR B 32 -32.81 2.82 9.22
N GLY B 33 -31.98 1.98 9.86
CA GLY B 33 -30.68 2.35 10.38
C GLY B 33 -30.08 1.11 11.04
N GLY B 34 -28.76 1.11 11.23
CA GLY B 34 -28.09 -0.07 11.77
C GLY B 34 -27.65 0.10 13.22
N PRO B 35 -26.48 -0.50 13.57
CA PRO B 35 -25.86 -0.33 14.88
C PRO B 35 -26.08 1.06 15.46
N CYS B 36 -26.34 1.12 16.76
CA CYS B 36 -26.58 2.40 17.43
C CYS B 36 -25.25 3.08 17.73
N ARG B 37 -25.24 4.40 17.67
CA ARG B 37 -24.03 5.15 17.95
C ARG B 37 -23.60 4.98 19.40
N PRO B 38 -22.40 4.41 19.62
CA PRO B 38 -21.90 4.22 20.99
C PRO B 38 -21.90 5.53 21.78
N PRO B 39 -22.43 5.50 23.01
CA PRO B 39 -22.53 6.69 23.86
C PRO B 39 -21.19 7.37 24.03
N GLN B 40 -21.14 8.68 23.83
CA GLN B 40 -19.90 9.43 24.00
C GLN B 40 -19.33 9.17 25.38
N HIS B 41 -18.04 9.40 25.54
CA HIS B 41 -17.41 9.28 26.85
C HIS B 41 -18.08 10.24 27.81
N THR B 42 -17.85 10.04 29.11
CA THR B 42 -18.39 10.92 30.12
C THR B 42 -18.16 12.39 29.74
N SER B 43 -16.99 12.67 29.19
CA SER B 43 -16.56 14.06 28.99
C SER B 43 -16.89 14.61 27.60
N LYS B 44 -17.52 13.79 26.78
CA LYS B 44 -18.03 14.24 25.49
C LYS B 44 -16.90 14.50 24.49
N ALA B 45 -15.68 14.13 24.87
CA ALA B 45 -14.55 14.17 23.95
C ALA B 45 -14.80 13.18 22.82
N ALA B 46 -14.29 13.47 21.63
CA ALA B 46 -14.51 12.63 20.47
C ALA B 46 -13.21 12.07 19.90
N ALA B 47 -13.31 10.89 19.28
CA ALA B 47 -12.14 10.18 18.79
C ALA B 47 -11.30 11.05 17.84
N PRO B 48 -9.97 10.93 17.95
CA PRO B 48 -9.05 11.71 17.12
C PRO B 48 -9.13 11.30 15.65
N ARG B 49 -8.74 12.20 14.75
CA ARG B 49 -8.78 11.90 13.33
C ARG B 49 -7.54 11.15 12.87
N ILE B 50 -7.74 9.91 12.40
CA ILE B 50 -6.66 9.11 11.86
C ILE B 50 -7.12 8.42 10.58
N PRO B 51 -6.29 8.48 9.52
CA PRO B 51 -6.59 7.74 8.30
C PRO B 51 -6.86 6.26 8.58
N ALA B 52 -7.77 5.65 7.83
CA ALA B 52 -8.22 4.29 8.10
C ALA B 52 -7.10 3.25 7.96
N ASP B 53 -6.08 3.57 7.19
CA ASP B 53 -5.01 2.63 6.89
C ASP B 53 -3.74 2.94 7.70
N ARG B 54 -3.82 3.94 8.56
CA ARG B 54 -2.74 4.25 9.48
C ARG B 54 -3.09 3.72 10.88
N LEU B 55 -4.36 3.39 11.07
CA LEU B 55 -4.85 2.84 12.33
C LEU B 55 -4.39 1.41 12.55
N PRO B 56 -4.43 0.96 13.81
CA PRO B 56 -4.32 -0.46 14.13
C PRO B 56 -5.54 -1.22 13.63
N ASN B 57 -5.33 -2.31 12.90
CA ASN B 57 -6.42 -3.21 12.55
C ASN B 57 -6.83 -4.02 13.77
N HIS B 58 -5.83 -4.60 14.42
CA HIS B 58 -6.05 -5.40 15.63
C HIS B 58 -5.33 -4.75 16.81
N VAL B 59 -5.96 -4.81 17.97
CA VAL B 59 -5.36 -4.25 19.18
C VAL B 59 -5.55 -5.24 20.33
N ALA B 60 -4.45 -5.52 21.03
CA ALA B 60 -4.46 -6.48 22.13
C ALA B 60 -4.24 -5.77 23.45
N ILE B 61 -5.16 -5.93 24.39
CA ILE B 61 -5.02 -5.34 25.72
C ILE B 61 -4.91 -6.40 26.82
N VAL B 62 -3.85 -6.28 27.61
CA VAL B 62 -3.73 -7.02 28.85
C VAL B 62 -4.13 -6.06 29.98
N MET B 63 -5.25 -6.34 30.62
CA MET B 63 -5.83 -5.44 31.61
C MET B 63 -5.24 -5.73 32.98
N ASP B 64 -4.31 -4.88 33.40
CA ASP B 64 -3.48 -5.15 34.56
C ASP B 64 -3.77 -4.16 35.68
N GLY B 65 -3.60 -4.62 36.91
CA GLY B 65 -3.64 -3.74 38.07
C GLY B 65 -5.02 -3.44 38.62
N ASN B 66 -5.91 -4.43 38.57
CA ASN B 66 -7.22 -4.30 39.21
C ASN B 66 -7.12 -4.60 40.70
N GLY B 67 -6.26 -5.54 41.06
CA GLY B 67 -6.01 -5.85 42.45
C GLY B 67 -5.26 -4.72 43.11
N ARG B 68 -4.20 -4.26 42.45
CA ARG B 68 -3.41 -3.13 42.94
C ARG B 68 -4.28 -1.91 43.19
N TRP B 69 -5.25 -1.67 42.30
CA TRP B 69 -6.19 -0.58 42.50
C TRP B 69 -6.84 -0.71 43.87
N ALA B 70 -7.57 -1.80 44.06
CA ALA B 70 -8.38 -1.98 45.26
C ALA B 70 -7.57 -1.89 46.55
N THR B 71 -6.42 -2.56 46.61
CA THR B 71 -5.71 -2.72 47.88
C THR B 71 -4.96 -1.45 48.29
N GLN B 72 -4.62 -0.60 47.33
CA GLN B 72 -4.04 0.70 47.63
C GLN B 72 -5.08 1.62 48.26
N ARG B 73 -6.24 1.07 48.57
CA ARG B 73 -7.33 1.81 49.16
C ARG B 73 -7.88 1.12 50.41
N GLY B 74 -7.52 -0.15 50.58
CA GLY B 74 -7.94 -0.93 51.73
C GLY B 74 -8.95 -2.01 51.39
N LEU B 75 -9.49 -1.96 50.18
CA LEU B 75 -10.47 -2.95 49.74
C LEU B 75 -9.79 -4.15 49.10
N ALA B 76 -10.56 -5.20 48.84
CA ALA B 76 -10.01 -6.45 48.33
C ALA B 76 -9.84 -6.39 46.81
N ARG B 77 -8.97 -7.24 46.30
CA ARG B 77 -8.63 -7.26 44.89
C ARG B 77 -9.87 -7.38 43.99
N THR B 78 -10.88 -8.10 44.46
CA THR B 78 -12.10 -8.29 43.69
C THR B 78 -12.83 -6.96 43.46
N GLU B 79 -12.86 -6.13 44.49
CA GLU B 79 -13.51 -4.82 44.39
C GLU B 79 -13.01 -4.05 43.19
N GLY B 80 -11.71 -4.15 42.93
CA GLY B 80 -11.09 -3.44 41.83
C GLY B 80 -11.40 -4.05 40.48
N HIS B 81 -11.51 -5.37 40.44
CA HIS B 81 -11.89 -6.06 39.22
C HIS B 81 -13.27 -5.60 38.75
N LYS B 82 -14.18 -5.41 39.70
CA LYS B 82 -15.50 -4.88 39.42
C LYS B 82 -15.37 -3.57 38.65
N MET B 83 -14.45 -2.72 39.11
CA MET B 83 -14.28 -1.40 38.54
C MET B 83 -13.74 -1.45 37.11
N GLY B 84 -13.14 -2.58 36.75
CA GLY B 84 -12.60 -2.75 35.41
C GLY B 84 -13.62 -3.16 34.36
N GLU B 85 -14.82 -3.54 34.80
CA GLU B 85 -15.88 -3.93 33.87
C GLU B 85 -16.31 -2.73 33.01
N ALA B 86 -16.53 -1.60 33.66
CA ALA B 86 -17.01 -0.42 32.96
C ALA B 86 -15.90 0.21 32.11
N VAL B 87 -14.67 -0.24 32.33
CA VAL B 87 -13.56 0.19 31.49
C VAL B 87 -13.46 -0.68 30.25
N VAL B 88 -13.75 -1.97 30.41
CA VAL B 88 -13.87 -2.85 29.26
C VAL B 88 -14.84 -2.25 28.26
N ILE B 89 -16.03 -1.92 28.74
CA ILE B 89 -17.12 -1.46 27.88
C ILE B 89 -16.92 0.00 27.46
N ASP B 90 -16.14 0.75 28.24
CA ASP B 90 -15.80 2.13 27.91
C ASP B 90 -14.76 2.18 26.79
N ILE B 91 -14.00 1.10 26.68
CA ILE B 91 -12.96 0.97 25.67
C ILE B 91 -13.53 0.25 24.45
N ALA B 92 -14.63 -0.48 24.66
CA ALA B 92 -15.35 -1.06 23.55
C ALA B 92 -15.97 0.07 22.75
N CYS B 93 -16.88 0.82 23.38
CA CYS B 93 -17.49 1.99 22.78
C CYS B 93 -16.44 2.89 22.12
N GLY B 94 -15.31 3.06 22.80
CA GLY B 94 -14.28 3.99 22.35
C GLY B 94 -13.55 3.55 21.10
N ALA B 95 -13.50 2.25 20.84
CA ALA B 95 -12.81 1.73 19.69
C ALA B 95 -13.71 1.73 18.45
N ILE B 96 -15.01 1.64 18.67
CA ILE B 96 -15.98 1.77 17.59
C ILE B 96 -15.96 3.21 17.10
N GLU B 97 -15.79 4.14 18.02
CA GLU B 97 -15.73 5.56 17.70
C GLU B 97 -14.49 5.92 16.87
N LEU B 98 -13.44 5.11 16.99
CA LEU B 98 -12.19 5.40 16.30
C LEU B 98 -12.12 4.73 14.94
N GLY B 99 -12.47 3.46 14.89
CA GLY B 99 -12.44 2.70 13.64
C GLY B 99 -11.95 1.29 13.84
N ILE B 100 -11.30 1.05 14.97
CA ILE B 100 -10.78 -0.27 15.30
C ILE B 100 -11.75 -1.35 14.84
N LYS B 101 -11.21 -2.37 14.17
CA LYS B 101 -12.04 -3.46 13.66
C LYS B 101 -11.84 -4.75 14.46
N TRP B 102 -10.67 -4.91 15.07
CA TRP B 102 -10.39 -6.10 15.88
C TRP B 102 -9.85 -5.68 17.25
N LEU B 103 -10.09 -6.52 18.26
CA LEU B 103 -9.75 -6.18 19.64
C LEU B 103 -9.80 -7.42 20.55
N SER B 104 -8.66 -7.78 21.13
CA SER B 104 -8.59 -8.91 22.05
C SER B 104 -8.34 -8.43 23.48
N LEU B 105 -9.11 -8.96 24.42
CA LEU B 105 -8.93 -8.67 25.84
C LEU B 105 -8.40 -9.90 26.56
N TYR B 106 -7.55 -9.69 27.57
CA TYR B 106 -6.95 -10.79 28.32
C TYR B 106 -7.56 -10.87 29.72
N ALA B 107 -8.70 -11.54 29.83
CA ALA B 107 -9.47 -11.60 31.07
C ALA B 107 -8.88 -12.59 32.06
N PHE B 108 -8.48 -13.76 31.56
CA PHE B 108 -7.91 -14.80 32.41
C PHE B 108 -6.94 -15.64 31.60
N SER B 109 -5.75 -15.87 32.15
CA SER B 109 -4.74 -16.70 31.50
C SER B 109 -4.73 -18.11 32.09
N THR B 110 -4.11 -19.04 31.37
CA THR B 110 -3.97 -20.40 31.87
C THR B 110 -2.99 -20.44 33.03
N GLU B 111 -2.49 -19.28 33.43
CA GLU B 111 -1.55 -19.17 34.54
C GLU B 111 -2.19 -18.55 35.77
N ASN B 112 -3.38 -17.97 35.62
CA ASN B 112 -4.07 -17.35 36.74
C ASN B 112 -4.69 -18.38 37.70
N TRP B 113 -4.51 -19.66 37.39
CA TRP B 113 -4.97 -20.71 38.28
C TRP B 113 -4.07 -20.80 39.51
N LYS B 114 -2.93 -20.10 39.47
CA LYS B 114 -2.01 -20.03 40.60
C LYS B 114 -2.59 -19.19 41.72
N ARG B 115 -3.41 -18.21 41.35
CA ARG B 115 -4.01 -17.30 42.33
C ARG B 115 -4.88 -18.08 43.32
N SER B 116 -5.37 -17.37 44.34
CA SER B 116 -6.11 -17.98 45.43
C SER B 116 -7.39 -18.65 44.92
N PRO B 117 -7.76 -19.78 45.53
CA PRO B 117 -9.01 -20.49 45.20
C PRO B 117 -10.21 -19.55 45.18
N GLU B 118 -10.11 -18.44 45.91
CA GLU B 118 -11.26 -17.56 46.11
C GLU B 118 -11.36 -16.47 45.05
N GLU B 119 -10.22 -16.07 44.50
CA GLU B 119 -10.19 -15.06 43.44
C GLU B 119 -10.43 -15.71 42.08
N VAL B 120 -9.77 -16.83 41.84
CA VAL B 120 -10.04 -17.64 40.66
C VAL B 120 -11.52 -17.97 40.63
N ARG B 121 -12.11 -18.06 41.82
CA ARG B 121 -13.52 -18.39 42.00
C ARG B 121 -14.40 -17.22 41.60
N PHE B 122 -14.15 -16.06 42.20
CA PHE B 122 -14.91 -14.85 41.89
C PHE B 122 -14.73 -14.47 40.42
N LEU B 123 -13.55 -14.76 39.88
CA LEU B 123 -13.21 -14.35 38.52
C LEU B 123 -14.03 -15.15 37.52
N MET B 124 -14.03 -16.46 37.68
CA MET B 124 -14.77 -17.33 36.79
C MET B 124 -16.21 -16.89 36.68
N GLY B 125 -16.86 -16.72 37.82
CA GLY B 125 -18.26 -16.37 37.85
C GLY B 125 -18.52 -14.90 37.55
N PHE B 126 -17.47 -14.08 37.62
CA PHE B 126 -17.61 -12.67 37.28
C PHE B 126 -17.59 -12.49 35.76
N ASN B 127 -16.73 -13.25 35.09
CA ASN B 127 -16.65 -13.19 33.63
C ASN B 127 -17.95 -13.71 33.03
N ARG B 128 -18.40 -14.86 33.48
CA ARG B 128 -19.69 -15.40 33.07
C ARG B 128 -20.77 -14.34 33.26
N ASP B 129 -20.86 -13.81 34.47
CA ASP B 129 -21.85 -12.78 34.80
C ASP B 129 -21.83 -11.63 33.80
N VAL B 130 -20.71 -10.94 33.72
CA VAL B 130 -20.54 -9.80 32.83
C VAL B 130 -21.02 -10.12 31.43
N VAL B 131 -20.39 -11.11 30.81
CA VAL B 131 -20.75 -11.59 29.49
C VAL B 131 -22.25 -11.47 29.22
N ARG B 132 -23.08 -11.98 30.13
CA ARG B 132 -24.53 -11.94 29.95
C ARG B 132 -25.06 -10.52 30.15
N ARG B 133 -24.53 -9.86 31.17
CA ARG B 133 -24.88 -8.47 31.45
C ARG B 133 -24.76 -7.60 30.21
N ARG B 134 -23.80 -7.92 29.35
CA ARG B 134 -23.35 -6.97 28.33
C ARG B 134 -23.55 -7.40 26.88
N ARG B 135 -23.92 -8.65 26.63
CA ARG B 135 -23.99 -9.15 25.27
C ARG B 135 -25.18 -8.59 24.48
N ASP B 136 -26.23 -8.21 25.18
CA ASP B 136 -27.40 -7.66 24.52
C ASP B 136 -27.09 -6.26 23.98
N THR B 137 -26.34 -5.49 24.76
CA THR B 137 -25.98 -4.14 24.37
C THR B 137 -24.94 -4.17 23.26
N LEU B 138 -23.94 -5.03 23.41
CA LEU B 138 -22.88 -5.15 22.40
C LEU B 138 -23.49 -5.62 21.08
N LYS B 139 -24.47 -6.52 21.17
CA LYS B 139 -25.20 -6.96 20.01
C LYS B 139 -25.82 -5.79 19.27
N LYS B 140 -26.34 -4.83 20.05
CA LYS B 140 -27.01 -3.67 19.48
C LYS B 140 -26.02 -2.66 18.93
N LEU B 141 -24.77 -2.72 19.37
CA LEU B 141 -23.72 -1.87 18.84
C LEU B 141 -23.09 -2.52 17.60
N GLY B 142 -23.65 -3.65 17.18
CA GLY B 142 -23.16 -4.36 16.02
C GLY B 142 -21.80 -4.98 16.26
N VAL B 143 -21.62 -5.55 17.45
CA VAL B 143 -20.35 -6.15 17.82
C VAL B 143 -20.39 -7.66 17.68
N ARG B 144 -19.45 -8.22 16.91
CA ARG B 144 -19.23 -9.65 16.97
C ARG B 144 -18.43 -9.91 18.24
N ILE B 145 -18.86 -10.91 19.00
CA ILE B 145 -18.22 -11.22 20.27
C ILE B 145 -18.17 -12.74 20.39
N ARG B 146 -17.03 -13.27 20.81
CA ARG B 146 -16.88 -14.71 20.93
C ARG B 146 -15.78 -15.09 21.91
N TRP B 147 -15.53 -16.39 22.03
CA TRP B 147 -14.60 -16.90 23.03
C TRP B 147 -13.29 -17.41 22.44
N VAL B 148 -12.21 -17.22 23.20
CA VAL B 148 -10.89 -17.73 22.87
C VAL B 148 -10.22 -18.24 24.14
N GLY B 149 -9.72 -19.45 24.09
CA GLY B 149 -9.08 -20.08 25.23
C GLY B 149 -9.17 -21.59 25.16
N SER B 150 -8.93 -22.25 26.29
CA SER B 150 -8.97 -23.70 26.37
C SER B 150 -10.04 -24.16 27.35
N ARG B 151 -10.52 -25.38 27.17
CA ARG B 151 -11.64 -25.88 27.98
C ARG B 151 -11.22 -26.42 29.34
N PRO B 152 -10.06 -27.08 29.41
CA PRO B 152 -9.59 -27.69 30.67
C PRO B 152 -9.63 -26.72 31.87
N ARG B 153 -10.32 -27.14 32.92
CA ARG B 153 -10.44 -26.38 34.17
C ARG B 153 -11.41 -25.20 34.08
N LEU B 154 -11.63 -24.69 32.86
CA LEU B 154 -12.53 -23.56 32.69
C LEU B 154 -13.98 -24.00 32.88
N TRP B 155 -14.74 -23.20 33.59
CA TRP B 155 -16.13 -23.50 33.91
C TRP B 155 -17.00 -23.60 32.66
N ARG B 156 -17.88 -24.60 32.62
CA ARG B 156 -18.90 -24.70 31.59
C ARG B 156 -19.75 -23.44 31.62
N SER B 157 -19.78 -22.79 32.78
CA SER B 157 -20.49 -21.53 32.95
C SER B 157 -20.04 -20.51 31.92
N VAL B 158 -18.75 -20.20 31.96
CA VAL B 158 -18.20 -19.14 31.12
C VAL B 158 -18.47 -19.42 29.65
N ILE B 159 -18.20 -20.65 29.23
CA ILE B 159 -18.31 -21.04 27.83
C ILE B 159 -19.77 -21.02 27.39
N ASN B 160 -20.68 -21.26 28.35
CA ASN B 160 -22.10 -21.29 28.05
C ASN B 160 -22.69 -19.92 27.79
N GLU B 161 -22.30 -18.94 28.59
CA GLU B 161 -22.79 -17.58 28.42
C GLU B 161 -22.06 -16.88 27.27
N LEU B 162 -20.98 -17.49 26.79
CA LEU B 162 -20.20 -16.94 25.69
C LEU B 162 -20.62 -17.53 24.36
N ALA B 163 -21.18 -18.75 24.40
CA ALA B 163 -21.66 -19.39 23.20
C ALA B 163 -22.99 -18.77 22.76
N VAL B 164 -23.70 -18.22 23.73
CA VAL B 164 -24.98 -17.59 23.46
C VAL B 164 -24.77 -16.18 22.93
N ALA B 165 -23.65 -15.57 23.32
CA ALA B 165 -23.34 -14.20 22.91
C ALA B 165 -22.66 -14.19 21.55
N GLU B 166 -22.02 -15.30 21.20
CA GLU B 166 -21.36 -15.42 19.90
C GLU B 166 -22.39 -15.67 18.81
N GLU B 167 -23.17 -16.73 18.97
CA GLU B 167 -24.24 -17.04 18.03
C GLU B 167 -25.10 -15.80 17.83
N MET B 168 -25.27 -15.03 18.90
CA MET B 168 -26.07 -13.81 18.85
C MET B 168 -25.49 -12.76 17.90
N THR B 169 -24.16 -12.64 17.89
CA THR B 169 -23.49 -11.61 17.12
C THR B 169 -22.57 -12.15 16.05
N LYS B 170 -22.85 -13.36 15.57
CA LYS B 170 -22.03 -13.96 14.53
C LYS B 170 -22.19 -13.18 13.23
N SER B 171 -23.23 -12.37 13.15
CA SER B 171 -23.56 -11.65 11.93
C SER B 171 -23.10 -10.18 11.97
N ASN B 172 -22.85 -9.67 13.17
CA ASN B 172 -22.39 -8.28 13.31
C ASN B 172 -21.02 -8.06 12.66
N ASP B 173 -20.62 -6.80 12.50
CA ASP B 173 -19.39 -6.50 11.75
C ASP B 173 -18.85 -5.08 11.95
N VAL B 174 -19.10 -4.47 13.10
CA VAL B 174 -18.55 -3.14 13.39
C VAL B 174 -17.16 -3.29 14.01
N ILE B 175 -16.96 -4.40 14.69
CA ILE B 175 -15.70 -4.68 15.38
C ILE B 175 -15.83 -6.01 16.13
N THR B 176 -14.83 -6.87 16.00
CA THR B 176 -14.84 -8.15 16.68
C THR B 176 -14.06 -8.10 17.98
N ILE B 177 -14.73 -8.49 19.06
CA ILE B 177 -14.11 -8.57 20.37
C ILE B 177 -13.84 -10.02 20.72
N ASN B 178 -12.59 -10.44 20.61
CA ASN B 178 -12.21 -11.79 20.98
C ASN B 178 -12.02 -11.86 22.49
N TYR B 179 -13.01 -12.39 23.18
CA TYR B 179 -12.98 -12.49 24.63
C TYR B 179 -12.11 -13.67 25.05
N CYS B 180 -11.02 -13.41 25.76
CA CYS B 180 -10.02 -14.45 26.06
C CYS B 180 -9.98 -14.85 27.53
N VAL B 181 -10.68 -15.93 27.87
CA VAL B 181 -10.65 -16.47 29.23
C VAL B 181 -10.05 -17.87 29.23
N ASN B 182 -9.10 -18.09 30.14
CA ASN B 182 -8.30 -19.31 30.15
C ASN B 182 -7.49 -19.44 28.86
N TYR B 183 -6.72 -18.41 28.55
CA TYR B 183 -5.95 -18.38 27.30
C TYR B 183 -4.45 -18.45 27.54
N GLY B 184 -3.80 -19.35 26.79
CA GLY B 184 -2.35 -19.44 26.80
C GLY B 184 -1.85 -19.64 25.38
N GLY B 185 -1.04 -18.71 24.91
CA GLY B 185 -0.56 -18.76 23.53
C GLY B 185 0.10 -20.06 23.17
N ARG B 186 1.03 -20.52 24.01
CA ARG B 186 1.70 -21.80 23.80
C ARG B 186 0.70 -22.94 23.74
N THR B 187 -0.32 -22.87 24.59
CA THR B 187 -1.31 -23.93 24.71
C THR B 187 -2.24 -23.93 23.49
N GLU B 188 -2.50 -22.75 22.95
CA GLU B 188 -3.31 -22.61 21.76
C GLU B 188 -2.53 -23.22 20.61
N ILE B 189 -1.23 -22.96 20.61
CA ILE B 189 -0.32 -23.47 19.60
C ILE B 189 -0.20 -24.98 19.66
N THR B 190 -0.31 -25.53 20.86
CA THR B 190 -0.17 -26.97 21.07
C THR B 190 -1.45 -27.68 20.66
N GLU B 191 -2.60 -27.09 20.98
CA GLU B 191 -3.88 -27.68 20.58
C GLU B 191 -3.94 -27.71 19.06
N ALA B 192 -3.51 -26.62 18.44
CA ALA B 192 -3.42 -26.55 16.98
C ALA B 192 -2.52 -27.65 16.47
N THR B 193 -1.42 -27.88 17.17
CA THR B 193 -0.46 -28.91 16.80
C THR B 193 -1.08 -30.30 16.95
N ARG B 194 -1.94 -30.47 17.95
CA ARG B 194 -2.64 -31.74 18.16
C ARG B 194 -3.52 -32.04 16.96
N GLU B 195 -4.31 -31.05 16.56
CA GLU B 195 -5.27 -31.18 15.46
C GLU B 195 -4.56 -31.63 14.19
N ILE B 196 -3.48 -30.93 13.86
CA ILE B 196 -2.65 -31.29 12.72
C ILE B 196 -2.31 -32.77 12.80
N ALA B 197 -1.82 -33.20 13.96
CA ALA B 197 -1.40 -34.58 14.16
C ALA B 197 -2.57 -35.55 14.01
N ARG B 198 -3.73 -35.14 14.50
CA ARG B 198 -4.93 -35.96 14.42
C ARG B 198 -5.31 -36.15 12.96
N GLU B 199 -5.02 -35.14 12.15
CA GLU B 199 -5.30 -35.19 10.71
C GLU B 199 -4.32 -36.13 10.01
N VAL B 200 -3.07 -36.09 10.43
CA VAL B 200 -2.04 -36.93 9.84
C VAL B 200 -2.27 -38.40 10.20
N ALA B 201 -3.09 -38.63 11.22
CA ALA B 201 -3.39 -39.99 11.66
C ALA B 201 -4.58 -40.56 10.91
N ALA B 202 -5.56 -39.71 10.61
CA ALA B 202 -6.67 -40.11 9.76
C ALA B 202 -6.21 -40.17 8.31
N GLY B 203 -4.95 -39.82 8.07
CA GLY B 203 -4.36 -39.92 6.75
C GLY B 203 -4.75 -38.79 5.83
N ARG B 204 -5.41 -37.77 6.38
CA ARG B 204 -5.91 -36.67 5.57
C ARG B 204 -4.99 -35.44 5.55
N LEU B 205 -3.81 -35.56 6.13
CA LEU B 205 -2.78 -34.53 5.97
C LEU B 205 -1.40 -35.17 5.75
N ASN B 206 -0.53 -34.43 5.08
CA ASN B 206 0.82 -34.90 4.80
C ASN B 206 1.82 -33.98 5.52
N PRO B 207 2.70 -34.57 6.35
CA PRO B 207 3.70 -33.79 7.08
C PRO B 207 4.57 -32.93 6.17
N GLU B 208 4.88 -33.41 4.98
CA GLU B 208 5.72 -32.65 4.04
C GLU B 208 4.91 -31.52 3.40
N ARG B 209 3.59 -31.61 3.51
CA ARG B 209 2.69 -30.57 3.01
C ARG B 209 2.14 -29.69 4.14
N ILE B 210 2.79 -29.74 5.30
CA ILE B 210 2.49 -28.81 6.38
C ILE B 210 3.31 -27.55 6.15
N THR B 211 2.86 -26.43 6.68
CA THR B 211 3.59 -25.18 6.57
C THR B 211 3.20 -24.25 7.73
N GLU B 212 3.82 -23.08 7.79
CA GLU B 212 3.55 -22.14 8.87
C GLU B 212 2.09 -21.71 8.87
N SER B 213 1.49 -21.67 7.68
CA SER B 213 0.09 -21.27 7.58
C SER B 213 -0.85 -22.42 7.88
N THR B 214 -0.34 -23.65 7.85
CA THR B 214 -1.13 -24.81 8.25
C THR B 214 -1.47 -24.71 9.74
N ILE B 215 -0.65 -23.96 10.48
CA ILE B 215 -0.89 -23.71 11.89
C ILE B 215 -1.90 -22.56 12.06
N ALA B 216 -1.76 -21.53 11.23
CA ALA B 216 -2.73 -20.44 11.20
C ALA B 216 -4.13 -21.01 11.03
N ARG B 217 -4.25 -21.94 10.09
CA ARG B 217 -5.53 -22.58 9.79
C ARG B 217 -6.04 -23.44 10.94
N HIS B 218 -5.12 -23.94 11.76
CA HIS B 218 -5.49 -24.89 12.81
C HIS B 218 -5.42 -24.31 14.22
N LEU B 219 -5.30 -23.00 14.33
CA LEU B 219 -5.51 -22.33 15.61
C LEU B 219 -7.03 -22.31 15.83
N GLN B 220 -7.45 -22.00 17.05
CA GLN B 220 -8.87 -22.06 17.41
C GLN B 220 -9.72 -21.15 16.54
N ARG B 221 -9.34 -19.87 16.46
CA ARG B 221 -10.08 -18.92 15.65
C ARG B 221 -9.29 -18.54 14.39
N PRO B 222 -9.45 -19.35 13.32
CA PRO B 222 -8.85 -19.15 12.00
C PRO B 222 -8.85 -17.70 11.52
N ASP B 223 -9.80 -16.91 12.00
CA ASP B 223 -10.09 -15.60 11.43
C ASP B 223 -9.52 -14.44 12.24
N ILE B 224 -8.38 -14.64 12.89
CA ILE B 224 -7.80 -13.61 13.72
C ILE B 224 -6.53 -13.02 13.08
N PRO B 225 -6.60 -11.75 12.67
CA PRO B 225 -5.43 -11.05 12.14
C PRO B 225 -4.32 -11.00 13.18
N ASP B 226 -3.08 -10.85 12.74
CA ASP B 226 -1.99 -10.65 13.66
C ASP B 226 -2.17 -9.32 14.36
N VAL B 227 -1.72 -9.24 15.61
CA VAL B 227 -1.76 -7.99 16.35
C VAL B 227 -0.71 -7.04 15.81
N ASP B 228 -1.03 -5.75 15.81
CA ASP B 228 -0.10 -4.73 15.36
C ASP B 228 0.09 -3.68 16.45
N LEU B 229 -0.91 -3.52 17.30
CA LEU B 229 -0.75 -2.74 18.52
C LEU B 229 -1.08 -3.60 19.74
N PHE B 230 -0.16 -3.63 20.70
CA PHE B 230 -0.30 -4.47 21.89
C PHE B 230 -0.03 -3.63 23.14
N LEU B 231 -1.07 -3.44 23.94
CA LEU B 231 -1.01 -2.56 25.10
C LEU B 231 -1.02 -3.34 26.41
N ARG B 232 -0.58 -2.66 27.47
CA ARG B 232 -0.51 -3.26 28.80
C ARG B 232 -0.52 -2.14 29.83
N THR B 233 -1.42 -2.23 30.81
CA THR B 233 -1.54 -1.18 31.82
C THR B 233 -0.72 -1.48 33.08
N SER B 234 -0.74 -0.52 34.00
CA SER B 234 -0.02 -0.60 35.27
C SER B 234 1.49 -0.45 35.07
N GLY B 235 1.90 -0.35 33.80
CA GLY B 235 3.30 -0.09 33.48
C GLY B 235 4.15 -1.33 33.57
N GLU B 236 3.53 -2.49 33.38
CA GLU B 236 4.29 -3.72 33.22
C GLU B 236 4.70 -3.83 31.76
N GLN B 237 5.94 -4.24 31.53
CA GLN B 237 6.45 -4.35 30.17
C GLN B 237 6.70 -5.81 29.80
N ARG B 238 5.63 -6.58 29.70
CA ARG B 238 5.74 -7.98 29.31
C ARG B 238 4.49 -8.42 28.54
N SER B 239 4.61 -9.48 27.75
CA SER B 239 3.51 -9.95 26.92
C SER B 239 2.70 -11.02 27.64
N SER B 240 3.35 -11.72 28.56
CA SER B 240 2.71 -12.72 29.41
C SER B 240 1.92 -13.79 28.65
N ASN B 241 2.45 -14.19 27.49
CA ASN B 241 1.90 -15.34 26.78
C ASN B 241 0.58 -15.05 26.06
N PHE B 242 0.18 -13.79 26.00
CA PHE B 242 -1.08 -13.43 25.36
C PHE B 242 -0.91 -13.29 23.85
N MET B 243 -1.88 -13.82 23.10
CA MET B 243 -1.86 -13.75 21.65
C MET B 243 -0.46 -14.01 21.11
N LEU B 244 0.11 -15.17 21.42
CA LEU B 244 1.50 -15.44 21.07
C LEU B 244 1.69 -15.46 19.54
N TRP B 245 1.12 -16.46 18.88
CA TRP B 245 1.26 -16.59 17.44
C TRP B 245 1.03 -15.24 16.77
N GLN B 246 -0.06 -14.59 17.14
CA GLN B 246 -0.52 -13.39 16.44
C GLN B 246 0.31 -12.15 16.75
N ALA B 247 0.91 -12.08 17.94
CA ALA B 247 1.57 -10.87 18.41
C ALA B 247 3.08 -10.91 18.21
N ALA B 248 3.52 -11.63 17.18
CA ALA B 248 4.94 -11.76 16.88
C ALA B 248 5.51 -10.49 16.27
N TYR B 249 4.76 -9.88 15.36
CA TYR B 249 5.18 -8.63 14.73
C TYR B 249 4.44 -7.44 15.32
N ALA B 250 3.78 -7.65 16.45
CA ALA B 250 3.03 -6.59 17.12
C ALA B 250 3.99 -5.55 17.70
N GLU B 251 3.51 -4.31 17.78
CA GLU B 251 4.25 -3.24 18.45
C GLU B 251 3.67 -3.05 19.85
N TYR B 252 4.54 -2.86 20.83
CA TYR B 252 4.09 -2.72 22.22
C TYR B 252 4.18 -1.27 22.69
N ILE B 253 3.03 -0.70 23.04
CA ILE B 253 2.99 0.60 23.69
C ILE B 253 2.52 0.42 25.13
N PHE B 254 3.45 0.60 26.07
CA PHE B 254 3.16 0.37 27.49
C PHE B 254 2.74 1.66 28.18
N GLN B 255 1.73 1.55 29.03
CA GLN B 255 1.22 2.69 29.79
C GLN B 255 1.25 2.38 31.29
N ASP B 256 1.18 3.43 32.11
CA ASP B 256 1.31 3.29 33.56
C ASP B 256 -0.04 3.13 34.26
N LYS B 257 -1.07 3.77 33.74
CA LYS B 257 -2.40 3.77 34.34
C LYS B 257 -2.89 2.37 34.73
N LEU B 258 -3.47 2.27 35.92
CA LEU B 258 -4.17 1.04 36.33
C LEU B 258 -5.47 0.94 35.52
N TRP B 259 -5.93 -0.29 35.30
CA TRP B 259 -7.08 -0.52 34.43
C TRP B 259 -8.35 0.17 34.91
N PRO B 260 -8.61 0.17 36.22
CA PRO B 260 -9.78 0.88 36.74
C PRO B 260 -9.67 2.39 36.51
N ASP B 261 -8.44 2.87 36.38
CA ASP B 261 -8.18 4.28 36.11
C ASP B 261 -8.21 4.60 34.61
N TYR B 262 -8.37 3.57 33.80
CA TYR B 262 -8.23 3.68 32.34
C TYR B 262 -9.57 4.00 31.68
N ASP B 263 -9.54 4.83 30.64
CA ASP B 263 -10.76 5.15 29.90
C ASP B 263 -10.51 5.20 28.39
N ARG B 264 -11.53 5.59 27.63
CA ARG B 264 -11.44 5.52 26.18
C ARG B 264 -10.45 6.52 25.60
N ARG B 265 -10.24 7.62 26.30
CA ARG B 265 -9.28 8.62 25.85
C ARG B 265 -7.86 8.04 25.87
N ASP B 266 -7.57 7.23 26.89
CA ASP B 266 -6.25 6.65 27.07
C ASP B 266 -5.86 5.76 25.89
N LEU B 267 -6.81 4.98 25.40
CA LEU B 267 -6.56 4.11 24.26
C LEU B 267 -6.28 4.93 23.02
N TRP B 268 -7.04 6.00 22.82
CA TRP B 268 -6.84 6.88 21.68
C TRP B 268 -5.40 7.38 21.61
N ALA B 269 -4.87 7.80 22.75
CA ALA B 269 -3.53 8.39 22.81
C ALA B 269 -2.47 7.40 22.33
N ALA B 270 -2.73 6.11 22.51
CA ALA B 270 -1.76 5.09 22.12
C ALA B 270 -1.96 4.66 20.66
N CYS B 271 -3.22 4.52 20.26
CA CYS B 271 -3.55 4.19 18.87
C CYS B 271 -3.12 5.34 17.96
N GLU B 272 -2.91 6.52 18.54
CA GLU B 272 -2.54 7.72 17.80
C GLU B 272 -1.02 7.88 17.75
N GLU B 273 -0.35 7.33 18.74
CA GLU B 273 1.10 7.33 18.80
C GLU B 273 1.64 6.27 17.85
N TYR B 274 0.97 5.12 17.84
CA TYR B 274 1.23 4.07 16.87
C TYR B 274 0.93 4.57 15.47
N ALA B 275 -0.18 5.29 15.33
CA ALA B 275 -0.69 5.72 14.03
C ALA B 275 0.17 6.82 13.40
N SER B 276 0.91 7.54 14.22
CA SER B 276 1.77 8.61 13.73
C SER B 276 3.23 8.17 13.74
N ARG B 277 3.45 6.86 13.69
CA ARG B 277 4.79 6.31 13.73
C ARG B 277 5.27 5.93 12.34
N THR B 278 6.27 6.64 11.84
CA THR B 278 6.88 6.30 10.56
C THR B 278 7.13 4.80 10.56
N ARG B 279 6.43 4.10 9.68
CA ARG B 279 6.54 2.65 9.64
C ARG B 279 7.87 2.28 8.99
N ARG B 280 8.69 1.52 9.71
CA ARG B 280 10.02 1.15 9.24
C ARG B 280 9.91 0.08 8.17
N PHE B 281 10.86 0.05 7.24
CA PHE B 281 10.96 -1.09 6.34
C PHE B 281 11.01 -2.30 7.26
N GLY B 282 10.10 -3.23 7.05
CA GLY B 282 9.97 -4.37 7.93
C GLY B 282 8.88 -4.11 8.95
N SER B 283 7.74 -3.63 8.46
CA SER B 283 6.56 -3.44 9.28
C SER B 283 5.34 -3.86 8.48
N ALA B 284 4.17 -3.83 9.11
CA ALA B 284 2.95 -4.22 8.43
C ALA B 284 1.79 -3.34 8.87
N PHE C 1 -36.42 5.74 -21.35
CA PHE C 1 -35.47 4.94 -20.58
C PHE C 1 -34.03 5.44 -20.77
N PRO C 2 -33.85 6.72 -21.11
CA PRO C 2 -34.84 7.78 -21.36
C PRO C 2 -35.21 7.89 -22.84
N GLN C 3 -34.69 6.98 -23.67
CA GLN C 3 -34.79 7.10 -25.12
C GLN C 3 -36.20 7.35 -25.61
N LEU C 4 -36.30 7.97 -26.78
CA LEU C 4 -37.58 8.24 -27.42
C LEU C 4 -38.10 6.97 -28.07
N PRO C 5 -39.41 6.69 -27.89
CA PRO C 5 -40.03 5.55 -28.56
C PRO C 5 -39.88 5.71 -30.07
N PRO C 6 -39.92 4.59 -30.81
CA PRO C 6 -39.63 4.64 -32.24
C PRO C 6 -40.43 5.70 -32.96
N ALA C 7 -39.86 6.26 -34.03
CA ALA C 7 -40.58 7.21 -34.87
C ALA C 7 -41.47 6.43 -35.83
N PRO C 8 -42.71 6.92 -36.04
CA PRO C 8 -43.69 6.27 -36.90
C PRO C 8 -43.12 5.87 -38.27
N ASP C 9 -43.82 4.98 -38.95
CA ASP C 9 -43.41 4.53 -40.29
C ASP C 9 -42.95 5.69 -41.16
N ASP C 10 -43.88 6.58 -41.50
CA ASP C 10 -43.60 7.67 -42.44
C ASP C 10 -43.14 8.94 -41.74
N TYR C 11 -42.12 8.83 -40.89
CA TYR C 11 -41.52 10.00 -40.28
C TYR C 11 -40.37 10.48 -41.16
N PRO C 12 -40.06 11.79 -41.11
CA PRO C 12 -38.99 12.34 -41.93
C PRO C 12 -37.66 11.62 -41.69
N THR C 13 -36.96 11.29 -42.77
CA THR C 13 -35.70 10.56 -42.67
C THR C 13 -34.49 11.47 -42.91
N PHE C 14 -33.39 11.18 -42.24
CA PHE C 14 -32.18 11.98 -42.36
C PHE C 14 -30.96 11.08 -42.36
N PRO C 15 -30.02 11.30 -43.28
CA PRO C 15 -30.01 12.38 -44.27
C PRO C 15 -30.50 11.91 -45.63
N ASP C 16 -30.98 12.83 -46.46
CA ASP C 16 -31.25 12.53 -47.85
C ASP C 16 -30.07 12.98 -48.70
N THR C 17 -29.18 12.05 -49.00
CA THR C 17 -27.89 12.38 -49.62
C THR C 17 -27.97 12.51 -51.13
N SER C 18 -29.08 13.03 -51.62
CA SER C 18 -29.25 13.25 -53.06
C SER C 18 -28.85 14.66 -53.48
N THR C 19 -28.34 15.45 -52.52
CA THR C 19 -27.90 16.81 -52.82
C THR C 19 -26.82 17.31 -51.86
N TRP C 20 -26.14 18.37 -52.27
CA TRP C 20 -25.27 19.11 -51.35
C TRP C 20 -25.47 20.61 -51.55
N PRO C 21 -25.61 21.36 -50.45
CA PRO C 21 -25.74 20.82 -49.09
C PRO C 21 -27.00 19.97 -48.92
N VAL C 22 -26.87 18.80 -48.30
CA VAL C 22 -28.01 17.95 -48.01
C VAL C 22 -29.11 18.79 -47.35
N VAL C 23 -30.37 18.45 -47.64
CA VAL C 23 -31.49 19.24 -47.14
C VAL C 23 -32.17 18.60 -45.93
N PHE C 24 -32.55 19.43 -44.97
CA PHE C 24 -33.15 18.96 -43.72
C PHE C 24 -34.67 18.86 -43.84
N PRO C 25 -35.25 17.73 -43.40
CA PRO C 25 -36.67 17.40 -43.56
C PRO C 25 -37.62 18.37 -42.88
N GLU C 26 -38.64 18.81 -43.63
CA GLU C 26 -39.76 19.51 -43.04
C GLU C 26 -40.33 18.65 -41.91
N LEU C 27 -40.19 19.11 -40.68
CA LEU C 27 -40.55 18.29 -39.53
C LEU C 27 -41.97 18.57 -39.03
N PRO C 28 -42.74 17.50 -38.78
CA PRO C 28 -44.12 17.55 -38.29
C PRO C 28 -44.32 18.56 -37.17
N ALA C 29 -45.57 18.99 -36.98
CA ALA C 29 -45.89 20.10 -36.10
C ALA C 29 -45.60 19.82 -34.62
N ALA C 30 -46.46 19.03 -33.99
CA ALA C 30 -46.40 18.77 -32.55
C ALA C 30 -46.84 19.98 -31.71
N PRO C 31 -48.11 20.39 -31.84
CA PRO C 31 -48.72 21.35 -30.92
C PRO C 31 -49.78 20.67 -30.06
N TYR C 32 -49.77 20.85 -28.74
CA TYR C 32 -48.82 21.73 -28.05
C TYR C 32 -47.69 20.95 -27.39
N GLY C 33 -46.90 20.27 -28.21
CA GLY C 33 -45.65 19.70 -27.76
C GLY C 33 -44.63 20.81 -27.60
N GLY C 34 -43.45 20.46 -27.08
CA GLY C 34 -42.39 21.44 -26.93
C GLY C 34 -41.47 21.44 -28.12
N PRO C 35 -40.24 20.93 -27.94
CA PRO C 35 -39.29 20.86 -29.05
C PRO C 35 -39.75 19.84 -30.09
N CYS C 36 -39.22 19.94 -31.31
CA CYS C 36 -39.56 19.00 -32.36
C CYS C 36 -38.71 17.74 -32.25
N ARG C 37 -39.34 16.58 -32.39
CA ARG C 37 -38.63 15.31 -32.28
C ARG C 37 -37.57 15.19 -33.36
N PRO C 38 -36.42 14.59 -33.02
CA PRO C 38 -35.37 14.35 -34.02
C PRO C 38 -35.80 13.38 -35.11
N PRO C 39 -35.59 13.74 -36.38
CA PRO C 39 -35.90 12.84 -37.49
C PRO C 39 -35.24 11.47 -37.31
N GLN C 40 -35.88 10.42 -37.80
CA GLN C 40 -35.33 9.07 -37.74
C GLN C 40 -34.31 8.92 -38.87
N HIS C 41 -33.48 7.88 -38.82
CA HIS C 41 -32.48 7.68 -39.85
C HIS C 41 -33.13 7.20 -41.15
N THR C 42 -32.35 7.21 -42.22
CA THR C 42 -32.82 6.75 -43.54
C THR C 42 -33.20 5.27 -43.53
N SER C 43 -32.62 4.50 -42.63
CA SER C 43 -32.92 3.08 -42.51
C SER C 43 -34.11 2.88 -41.59
N LYS C 44 -34.51 3.97 -40.91
CA LYS C 44 -35.62 3.93 -39.97
C LYS C 44 -35.33 2.90 -38.89
N ALA C 45 -34.07 2.82 -38.51
CA ALA C 45 -33.58 1.80 -37.58
C ALA C 45 -33.92 2.15 -36.14
N ALA C 46 -33.73 1.18 -35.25
CA ALA C 46 -34.15 1.33 -33.86
C ALA C 46 -33.00 1.77 -32.96
N ALA C 47 -33.34 2.56 -31.94
CA ALA C 47 -32.37 3.01 -30.95
C ALA C 47 -32.26 1.99 -29.83
N PRO C 48 -31.05 1.79 -29.31
CA PRO C 48 -30.88 0.85 -28.20
C PRO C 48 -31.60 1.34 -26.95
N ARG C 49 -32.27 0.43 -26.25
CA ARG C 49 -33.07 0.81 -25.09
C ARG C 49 -32.26 0.64 -23.80
N ILE C 50 -31.00 1.01 -23.89
CA ILE C 50 -30.06 0.97 -22.77
C ILE C 50 -30.66 1.50 -21.47
N PRO C 51 -30.26 0.92 -20.33
CA PRO C 51 -30.65 1.47 -19.03
C PRO C 51 -30.12 2.89 -18.86
N ALA C 52 -30.79 3.71 -18.04
CA ALA C 52 -30.31 5.04 -17.75
C ALA C 52 -29.02 4.99 -16.94
N ASP C 53 -28.77 3.83 -16.34
CA ASP C 53 -27.61 3.66 -15.46
C ASP C 53 -26.37 3.17 -16.20
N ARG C 54 -26.51 2.95 -17.50
CA ARG C 54 -25.37 2.58 -18.34
C ARG C 54 -25.29 3.51 -19.54
N LEU C 55 -25.87 4.70 -19.38
CA LEU C 55 -25.86 5.72 -20.40
C LEU C 55 -24.67 6.65 -20.20
N PRO C 56 -24.02 7.09 -21.29
CA PRO C 56 -22.98 8.11 -21.18
C PRO C 56 -23.57 9.51 -21.22
N ASN C 57 -23.90 10.05 -20.06
CA ASN C 57 -24.52 11.37 -19.97
C ASN C 57 -23.72 12.42 -20.74
N HIS C 58 -22.43 12.19 -20.88
CA HIS C 58 -21.56 13.08 -21.63
C HIS C 58 -20.69 12.29 -22.61
N VAL C 59 -20.96 12.47 -23.90
CA VAL C 59 -20.20 11.80 -24.95
C VAL C 59 -19.44 12.81 -25.77
N ALA C 60 -18.13 12.64 -25.85
CA ALA C 60 -17.27 13.52 -26.65
C ALA C 60 -16.74 12.74 -27.85
N ILE C 61 -16.54 13.42 -28.97
CA ILE C 61 -16.19 12.76 -30.21
C ILE C 61 -15.11 13.52 -30.99
N VAL C 62 -14.08 12.81 -31.41
CA VAL C 62 -13.04 13.37 -32.27
C VAL C 62 -13.24 12.89 -33.69
N MET C 63 -14.04 13.65 -34.45
CA MET C 63 -14.48 13.22 -35.77
C MET C 63 -13.30 13.13 -36.72
N ASP C 64 -12.77 11.93 -36.89
CA ASP C 64 -11.52 11.74 -37.59
C ASP C 64 -11.71 11.07 -38.95
N GLY C 65 -10.74 11.26 -39.84
CA GLY C 65 -10.73 10.55 -41.11
C GLY C 65 -11.46 11.24 -42.25
N ASN C 66 -11.83 12.50 -42.05
CA ASN C 66 -12.62 13.23 -43.04
C ASN C 66 -11.96 13.41 -44.40
N GLY C 67 -10.65 13.54 -44.43
CA GLY C 67 -9.94 13.80 -45.67
C GLY C 67 -9.30 12.57 -46.29
N ARG C 68 -9.31 11.46 -45.56
CA ARG C 68 -8.79 10.20 -46.07
C ARG C 68 -9.81 9.68 -47.08
N TRP C 69 -11.04 9.58 -46.60
CA TRP C 69 -12.22 9.33 -47.43
C TRP C 69 -12.08 9.94 -48.82
N ALA C 70 -11.83 11.24 -48.87
CA ALA C 70 -11.73 11.96 -50.14
C ALA C 70 -10.51 11.52 -50.94
N THR C 71 -9.37 11.43 -50.27
CA THR C 71 -8.14 10.98 -50.90
C THR C 71 -8.35 9.67 -51.65
N GLN C 72 -9.11 8.76 -51.05
CA GLN C 72 -9.34 7.43 -51.61
C GLN C 72 -9.96 7.48 -53.00
N ARG C 73 -10.86 8.43 -53.22
CA ARG C 73 -11.59 8.52 -54.48
C ARG C 73 -11.10 9.66 -55.37
N GLY C 74 -9.81 9.96 -55.30
CA GLY C 74 -9.22 10.97 -56.15
C GLY C 74 -9.88 12.33 -56.00
N LEU C 75 -10.23 12.69 -54.77
CA LEU C 75 -10.84 13.98 -54.48
C LEU C 75 -9.90 14.80 -53.60
N ALA C 76 -10.07 16.12 -53.61
CA ALA C 76 -9.34 16.98 -52.70
C ALA C 76 -9.98 16.89 -51.31
N ARG C 77 -9.23 17.28 -50.29
CA ARG C 77 -9.68 17.13 -48.91
C ARG C 77 -10.94 17.92 -48.58
N THR C 78 -11.14 19.06 -49.23
CA THR C 78 -12.32 19.89 -48.96
C THR C 78 -13.60 19.07 -49.01
N GLU C 79 -13.73 18.23 -50.03
CA GLU C 79 -14.97 17.51 -50.30
C GLU C 79 -15.29 16.44 -49.25
N GLY C 80 -14.29 16.05 -48.47
CA GLY C 80 -14.48 15.09 -47.39
C GLY C 80 -15.17 15.72 -46.20
N HIS C 81 -14.71 16.91 -45.82
CA HIS C 81 -15.28 17.64 -44.70
C HIS C 81 -16.73 18.05 -44.99
N LYS C 82 -17.03 18.23 -46.27
CA LYS C 82 -18.36 18.66 -46.67
C LYS C 82 -19.39 17.58 -46.38
N MET C 83 -19.04 16.33 -46.64
CA MET C 83 -19.97 15.22 -46.45
C MET C 83 -20.07 14.83 -44.99
N GLY C 84 -19.15 15.34 -44.16
CA GLY C 84 -19.15 15.03 -42.74
C GLY C 84 -20.02 15.99 -41.96
N GLU C 85 -20.53 17.01 -42.63
CA GLU C 85 -21.40 17.99 -41.99
C GLU C 85 -22.74 17.36 -41.64
N ALA C 86 -23.37 16.73 -42.63
CA ALA C 86 -24.65 16.08 -42.43
C ALA C 86 -24.48 14.91 -41.47
N VAL C 87 -23.25 14.48 -41.29
CA VAL C 87 -22.95 13.41 -40.34
C VAL C 87 -23.15 13.92 -38.92
N VAL C 88 -22.65 15.12 -38.64
CA VAL C 88 -22.81 15.74 -37.32
C VAL C 88 -24.28 15.86 -36.92
N ILE C 89 -25.05 16.56 -37.73
CA ILE C 89 -26.47 16.78 -37.44
C ILE C 89 -27.18 15.45 -37.23
N ASP C 90 -26.82 14.46 -38.04
CA ASP C 90 -27.40 13.13 -37.96
C ASP C 90 -26.99 12.45 -36.66
N ILE C 91 -25.77 12.74 -36.21
CA ILE C 91 -25.23 12.20 -34.97
C ILE C 91 -25.80 12.93 -33.75
N ALA C 92 -26.25 14.16 -33.97
CA ALA C 92 -26.87 14.95 -32.93
C ALA C 92 -28.29 14.44 -32.69
N CYS C 93 -28.91 13.96 -33.77
CA CYS C 93 -30.29 13.47 -33.71
C CYS C 93 -30.38 12.13 -33.00
N GLY C 94 -29.34 11.32 -33.11
CA GLY C 94 -29.31 10.02 -32.47
C GLY C 94 -28.99 10.11 -30.99
N ALA C 95 -28.19 11.11 -30.62
CA ALA C 95 -27.88 11.35 -29.22
C ALA C 95 -29.15 11.67 -28.44
N ILE C 96 -30.06 12.38 -29.10
CA ILE C 96 -31.33 12.74 -28.48
C ILE C 96 -32.25 11.53 -28.43
N GLU C 97 -32.29 10.79 -29.53
CA GLU C 97 -33.07 9.55 -29.57
C GLU C 97 -32.61 8.61 -28.47
N LEU C 98 -31.33 8.69 -28.13
CA LEU C 98 -30.72 7.78 -27.17
C LEU C 98 -30.75 8.36 -25.75
N GLY C 99 -31.06 9.65 -25.66
CA GLY C 99 -31.22 10.30 -24.37
C GLY C 99 -29.96 10.90 -23.80
N ILE C 100 -28.92 11.01 -24.64
CA ILE C 100 -27.71 11.72 -24.26
C ILE C 100 -27.97 13.23 -24.22
N LYS C 101 -27.27 13.93 -23.35
CA LYS C 101 -27.56 15.35 -23.08
C LYS C 101 -26.32 16.25 -23.14
N TRP C 102 -25.14 15.66 -23.26
CA TRP C 102 -23.91 16.44 -23.39
C TRP C 102 -23.03 15.84 -24.47
N LEU C 103 -22.95 16.51 -25.61
CA LEU C 103 -22.15 16.01 -26.72
C LEU C 103 -21.03 16.99 -27.10
N SER C 104 -19.78 16.57 -26.93
CA SER C 104 -18.63 17.37 -27.35
C SER C 104 -18.18 16.95 -28.74
N LEU C 105 -17.49 17.86 -29.43
CA LEU C 105 -17.18 17.70 -30.85
C LEU C 105 -15.89 18.41 -31.23
N TYR C 106 -14.90 17.67 -31.72
CA TYR C 106 -13.62 18.27 -32.10
C TYR C 106 -13.70 18.78 -33.55
N ALA C 107 -14.39 19.90 -33.74
CA ALA C 107 -14.59 20.48 -35.06
C ALA C 107 -13.27 21.02 -35.64
N PHE C 108 -12.56 21.80 -34.84
CA PHE C 108 -11.25 22.31 -35.22
C PHE C 108 -10.34 22.23 -34.00
N SER C 109 -9.04 22.33 -34.25
CA SER C 109 -8.05 22.14 -33.20
C SER C 109 -6.92 23.13 -33.35
N THR C 110 -6.27 23.47 -32.24
CA THR C 110 -5.11 24.35 -32.29
C THR C 110 -4.05 23.69 -33.15
N GLU C 111 -4.02 22.36 -33.11
CA GLU C 111 -3.12 21.59 -33.95
C GLU C 111 -3.41 21.84 -35.43
N ASN C 112 -4.68 22.09 -35.75
CA ASN C 112 -5.14 22.24 -37.13
C ASN C 112 -4.62 23.48 -37.87
N TRP C 113 -3.67 24.20 -37.30
CA TRP C 113 -3.10 25.35 -37.98
C TRP C 113 -1.89 24.96 -38.82
N LYS C 114 -1.41 23.73 -38.63
CA LYS C 114 -0.24 23.23 -39.34
C LYS C 114 -0.64 22.55 -40.65
N ARG C 115 -1.91 22.66 -41.01
CA ARG C 115 -2.41 22.12 -42.26
C ARG C 115 -2.26 23.19 -43.34
N SER C 116 -2.32 22.79 -44.60
CA SER C 116 -2.11 23.72 -45.70
C SER C 116 -2.94 24.98 -45.52
N PRO C 117 -2.34 26.14 -45.78
CA PRO C 117 -3.09 27.40 -45.72
C PRO C 117 -4.37 27.34 -46.55
N GLU C 118 -4.38 26.54 -47.60
CA GLU C 118 -5.57 26.35 -48.41
C GLU C 118 -6.65 25.63 -47.59
N GLU C 119 -6.30 24.45 -47.09
CA GLU C 119 -7.24 23.61 -46.36
C GLU C 119 -7.75 24.28 -45.08
N VAL C 120 -6.90 25.10 -44.46
CA VAL C 120 -7.24 25.75 -43.20
C VAL C 120 -8.10 26.99 -43.44
N ARG C 121 -7.75 27.75 -44.48
CA ARG C 121 -8.52 28.92 -44.86
C ARG C 121 -9.92 28.50 -45.30
N PHE C 122 -10.10 27.21 -45.50
CA PHE C 122 -11.39 26.66 -45.90
C PHE C 122 -12.16 26.16 -44.70
N LEU C 123 -11.45 25.53 -43.77
CA LEU C 123 -12.06 24.94 -42.58
C LEU C 123 -12.63 26.01 -41.66
N MET C 124 -12.17 27.25 -41.84
CA MET C 124 -12.69 28.36 -41.05
C MET C 124 -13.99 28.91 -41.63
N GLY C 125 -14.11 28.87 -42.96
CA GLY C 125 -15.29 29.38 -43.62
C GLY C 125 -16.45 28.41 -43.65
N PHE C 126 -16.12 27.12 -43.59
CA PHE C 126 -17.14 26.08 -43.65
C PHE C 126 -17.90 25.97 -42.33
N ASN C 127 -17.18 26.06 -41.21
CA ASN C 127 -17.81 26.02 -39.91
C ASN C 127 -18.77 27.18 -39.72
N ARG C 128 -18.29 28.39 -40.00
CA ARG C 128 -19.11 29.59 -39.95
C ARG C 128 -20.41 29.40 -40.71
N ASP C 129 -20.29 28.84 -41.91
CA ASP C 129 -21.46 28.60 -42.76
C ASP C 129 -22.41 27.62 -42.09
N VAL C 130 -21.86 26.56 -41.51
CA VAL C 130 -22.68 25.49 -40.94
C VAL C 130 -23.50 25.96 -39.77
N VAL C 131 -22.91 26.80 -38.92
CA VAL C 131 -23.64 27.37 -37.80
C VAL C 131 -24.78 28.20 -38.37
N ARG C 132 -24.44 29.11 -39.29
CA ARG C 132 -25.40 30.02 -39.91
C ARG C 132 -26.56 29.29 -40.61
N ARG C 133 -26.31 28.07 -41.07
CA ARG C 133 -27.33 27.31 -41.81
C ARG C 133 -28.09 26.32 -40.93
N ARG C 134 -27.37 25.65 -40.04
CA ARG C 134 -27.93 24.52 -39.29
C ARG C 134 -28.47 24.91 -37.92
N ARG C 135 -28.15 26.13 -37.47
CA ARG C 135 -28.45 26.53 -36.10
C ARG C 135 -29.94 26.67 -35.83
N ASP C 136 -30.72 26.85 -36.89
CA ASP C 136 -32.18 26.95 -36.73
C ASP C 136 -32.76 25.56 -36.58
N THR C 137 -32.20 24.61 -37.32
CA THR C 137 -32.54 23.21 -37.13
C THR C 137 -32.39 22.88 -35.67
N LEU C 138 -31.19 23.10 -35.15
CA LEU C 138 -30.86 22.75 -33.77
C LEU C 138 -31.71 23.51 -32.77
N LYS C 139 -32.02 24.78 -33.07
CA LYS C 139 -32.91 25.57 -32.24
C LYS C 139 -34.15 24.76 -31.92
N LYS C 140 -34.73 24.17 -32.96
CA LYS C 140 -36.00 23.45 -32.85
C LYS C 140 -35.85 22.08 -32.19
N LEU C 141 -34.67 21.48 -32.28
CA LEU C 141 -34.46 20.14 -31.75
C LEU C 141 -34.25 20.16 -30.23
N GLY C 142 -34.08 21.35 -29.67
CA GLY C 142 -33.83 21.50 -28.24
C GLY C 142 -32.35 21.53 -27.94
N VAL C 143 -31.54 21.66 -28.99
CA VAL C 143 -30.09 21.70 -28.84
C VAL C 143 -29.62 23.02 -28.26
N ARG C 144 -28.84 22.94 -27.19
CA ARG C 144 -28.10 24.08 -26.68
C ARG C 144 -26.68 23.99 -27.21
N ILE C 145 -26.36 24.86 -28.17
CA ILE C 145 -25.06 24.83 -28.83
C ILE C 145 -24.26 26.08 -28.49
N ARG C 146 -23.00 25.90 -28.08
CA ARG C 146 -22.14 27.03 -27.75
C ARG C 146 -20.70 26.78 -28.20
N TRP C 147 -19.88 27.82 -28.15
CA TRP C 147 -18.48 27.73 -28.57
C TRP C 147 -17.57 27.35 -27.40
N VAL C 148 -16.58 26.50 -27.68
CA VAL C 148 -15.55 26.18 -26.70
C VAL C 148 -14.18 26.16 -27.35
N GLY C 149 -13.42 27.24 -27.16
CA GLY C 149 -12.09 27.32 -27.73
C GLY C 149 -11.31 28.57 -27.37
N SER C 150 -10.04 28.57 -27.72
CA SER C 150 -9.18 29.73 -27.57
C SER C 150 -9.51 30.74 -28.67
N ARG C 151 -9.34 32.02 -28.38
CA ARG C 151 -9.70 33.08 -29.34
C ARG C 151 -8.62 33.38 -30.39
N PRO C 152 -7.38 33.61 -29.95
CA PRO C 152 -6.25 33.94 -30.84
C PRO C 152 -6.22 33.09 -32.12
N ARG C 153 -6.20 33.78 -33.28
CA ARG C 153 -6.18 33.14 -34.60
C ARG C 153 -7.57 32.76 -35.08
N LEU C 154 -8.43 32.30 -34.18
CA LEU C 154 -9.79 31.95 -34.54
C LEU C 154 -10.48 33.14 -35.21
N TRP C 155 -10.92 32.92 -36.45
CA TRP C 155 -11.70 33.91 -37.17
C TRP C 155 -12.77 34.49 -36.25
N ARG C 156 -12.79 35.81 -36.13
CA ARG C 156 -13.84 36.47 -35.36
C ARG C 156 -15.20 35.98 -35.82
N SER C 157 -15.33 35.77 -37.13
CA SER C 157 -16.61 35.46 -37.75
C SER C 157 -17.19 34.12 -37.29
N VAL C 158 -16.32 33.16 -36.99
CA VAL C 158 -16.77 31.86 -36.49
C VAL C 158 -17.32 32.01 -35.08
N ILE C 159 -16.55 32.67 -34.22
CA ILE C 159 -16.90 32.88 -32.83
C ILE C 159 -18.26 33.53 -32.71
N ASN C 160 -18.53 34.49 -33.59
CA ASN C 160 -19.75 35.30 -33.47
C ASN C 160 -21.00 34.61 -34.02
N GLU C 161 -20.82 33.62 -34.89
CA GLU C 161 -21.95 32.83 -35.34
C GLU C 161 -22.40 31.86 -34.24
N LEU C 162 -21.48 31.55 -33.33
CA LEU C 162 -21.77 30.68 -32.19
C LEU C 162 -22.17 31.50 -30.96
N ALA C 163 -21.80 32.77 -30.96
CA ALA C 163 -22.21 33.69 -29.90
C ALA C 163 -23.67 34.08 -30.16
N VAL C 164 -24.10 33.89 -31.40
CA VAL C 164 -25.46 34.18 -31.79
C VAL C 164 -26.34 32.94 -31.59
N ALA C 165 -25.84 31.79 -32.05
CA ALA C 165 -26.56 30.54 -31.89
C ALA C 165 -26.65 30.14 -30.41
N GLU C 166 -25.66 30.53 -29.64
CA GLU C 166 -25.65 30.28 -28.21
C GLU C 166 -26.72 31.10 -27.52
N GLU C 167 -26.82 32.37 -27.90
CA GLU C 167 -27.78 33.28 -27.29
C GLU C 167 -29.22 32.92 -27.67
N MET C 168 -29.38 32.17 -28.75
CA MET C 168 -30.70 31.77 -29.21
C MET C 168 -31.18 30.47 -28.56
N THR C 169 -30.24 29.63 -28.18
CA THR C 169 -30.59 28.32 -27.62
C THR C 169 -30.20 28.19 -26.15
N LYS C 170 -30.00 29.32 -25.47
CA LYS C 170 -29.52 29.31 -24.09
C LYS C 170 -30.52 28.68 -23.12
N SER C 171 -31.81 28.82 -23.43
CA SER C 171 -32.85 28.28 -22.56
C SER C 171 -33.32 26.89 -23.02
N ASN C 172 -32.70 26.38 -24.09
CA ASN C 172 -33.00 25.03 -24.55
C ASN C 172 -32.23 24.02 -23.72
N ASP C 173 -32.67 22.77 -23.69
CA ASP C 173 -32.03 21.76 -22.84
C ASP C 173 -32.49 20.31 -23.06
N VAL C 174 -32.62 19.90 -24.32
CA VAL C 174 -32.77 18.48 -24.64
C VAL C 174 -31.39 17.86 -24.69
N ILE C 175 -30.43 18.66 -25.17
CA ILE C 175 -29.03 18.25 -25.25
C ILE C 175 -28.16 19.50 -25.24
N THR C 176 -26.85 19.32 -25.11
CA THR C 176 -25.92 20.43 -25.13
C THR C 176 -24.66 20.08 -25.90
N ILE C 177 -24.62 20.48 -27.17
CA ILE C 177 -23.43 20.33 -27.98
C ILE C 177 -22.44 21.44 -27.65
N ASN C 178 -21.24 21.05 -27.20
CA ASN C 178 -20.14 21.99 -27.09
C ASN C 178 -19.31 21.91 -28.36
N TYR C 179 -19.51 22.87 -29.26
CA TYR C 179 -18.82 22.91 -30.55
C TYR C 179 -17.42 23.46 -30.35
N CYS C 180 -16.42 22.60 -30.50
CA CYS C 180 -15.05 22.98 -30.16
C CYS C 180 -14.24 23.40 -31.39
N VAL C 181 -13.96 24.70 -31.48
CA VAL C 181 -13.18 25.24 -32.60
C VAL C 181 -11.98 26.01 -32.07
N ASN C 182 -10.80 25.66 -32.57
CA ASN C 182 -9.56 26.13 -31.99
C ASN C 182 -9.48 25.66 -30.54
N TYR C 183 -9.75 24.38 -30.34
CA TYR C 183 -9.69 23.81 -29.00
C TYR C 183 -8.33 23.20 -28.73
N GLY C 184 -7.86 23.41 -27.51
CA GLY C 184 -6.62 22.81 -27.05
C GLY C 184 -6.76 22.39 -25.60
N GLY C 185 -6.75 21.09 -25.36
CA GLY C 185 -6.91 20.58 -24.00
C GLY C 185 -6.05 21.34 -23.02
N ARG C 186 -4.76 21.43 -23.32
CA ARG C 186 -3.83 22.18 -22.50
C ARG C 186 -4.12 23.67 -22.60
N THR C 187 -4.42 24.14 -23.81
CA THR C 187 -4.66 25.55 -24.07
C THR C 187 -5.79 26.13 -23.20
N GLU C 188 -6.68 25.26 -22.74
CA GLU C 188 -7.82 25.68 -21.93
C GLU C 188 -7.44 25.68 -20.45
N ILE C 189 -6.56 24.75 -20.08
CA ILE C 189 -5.98 24.75 -18.74
C ILE C 189 -5.14 26.02 -18.58
N THR C 190 -4.14 26.15 -19.44
CA THR C 190 -3.31 27.35 -19.54
C THR C 190 -4.12 28.62 -19.32
N GLU C 191 -5.30 28.69 -19.92
CA GLU C 191 -6.11 29.91 -19.88
C GLU C 191 -6.90 30.02 -18.58
N ALA C 192 -7.29 28.88 -18.01
CA ALA C 192 -7.95 28.88 -16.70
C ALA C 192 -6.94 29.37 -15.67
N THR C 193 -5.67 29.13 -15.96
CA THR C 193 -4.58 29.44 -15.05
C THR C 193 -4.13 30.89 -15.19
N ARG C 194 -4.29 31.46 -16.37
CA ARG C 194 -4.01 32.88 -16.56
C ARG C 194 -4.97 33.67 -15.69
N GLU C 195 -6.21 33.20 -15.59
CA GLU C 195 -7.22 33.84 -14.74
C GLU C 195 -6.77 33.78 -13.29
N ILE C 196 -6.50 32.58 -12.80
CA ILE C 196 -6.04 32.38 -11.43
C ILE C 196 -4.91 33.34 -11.12
N ALA C 197 -3.94 33.43 -12.01
CA ALA C 197 -2.78 34.29 -11.83
C ALA C 197 -3.20 35.74 -11.63
N ARG C 198 -4.10 36.23 -12.47
CA ARG C 198 -4.56 37.61 -12.38
C ARG C 198 -5.18 37.87 -11.02
N GLU C 199 -6.17 37.05 -10.65
CA GLU C 199 -6.83 37.21 -9.37
C GLU C 199 -5.82 37.19 -8.23
N VAL C 200 -4.85 36.29 -8.32
CA VAL C 200 -3.81 36.17 -7.31
C VAL C 200 -2.96 37.42 -7.23
N ALA C 201 -2.74 38.06 -8.38
CA ALA C 201 -1.92 39.26 -8.48
C ALA C 201 -2.72 40.51 -8.13
N ALA C 202 -4.03 40.42 -8.20
CA ALA C 202 -4.90 41.54 -7.89
C ALA C 202 -5.22 41.56 -6.41
N GLY C 203 -4.78 40.52 -5.71
CA GLY C 203 -4.95 40.42 -4.27
C GLY C 203 -6.28 39.85 -3.84
N ARG C 204 -6.93 39.09 -4.73
CA ARG C 204 -8.26 38.57 -4.45
C ARG C 204 -8.28 37.06 -4.23
N LEU C 205 -7.17 36.40 -4.50
CA LEU C 205 -7.04 34.97 -4.28
C LEU C 205 -5.67 34.62 -3.71
N ASN C 206 -5.68 33.85 -2.63
CA ASN C 206 -4.46 33.44 -1.97
C ASN C 206 -4.00 32.11 -2.57
N PRO C 207 -2.73 32.05 -3.01
CA PRO C 207 -2.15 30.89 -3.69
C PRO C 207 -2.41 29.55 -2.99
N GLU C 208 -2.48 29.56 -1.66
CA GLU C 208 -2.57 28.32 -0.88
C GLU C 208 -3.99 27.76 -0.79
N ARG C 209 -4.94 28.43 -1.45
CA ARG C 209 -6.34 28.02 -1.42
C ARG C 209 -6.82 27.56 -2.80
N ILE C 210 -5.92 27.61 -3.78
CA ILE C 210 -6.19 27.07 -5.11
C ILE C 210 -6.30 25.55 -5.04
N THR C 211 -7.40 25.02 -5.56
CA THR C 211 -7.63 23.58 -5.59
C THR C 211 -8.11 23.21 -6.98
N GLU C 212 -8.37 21.92 -7.20
CA GLU C 212 -8.84 21.47 -8.50
C GLU C 212 -10.17 22.13 -8.82
N SER C 213 -10.99 22.34 -7.79
CA SER C 213 -12.29 22.99 -7.95
C SER C 213 -12.09 24.35 -8.60
N THR C 214 -11.03 25.04 -8.17
CA THR C 214 -10.74 26.40 -8.63
C THR C 214 -10.38 26.46 -10.12
N ILE C 215 -9.61 25.49 -10.59
CA ILE C 215 -9.28 25.41 -12.01
C ILE C 215 -10.54 25.04 -12.78
N ALA C 216 -11.31 24.12 -12.23
CA ALA C 216 -12.56 23.68 -12.83
C ALA C 216 -13.51 24.86 -12.98
N ARG C 217 -13.33 25.88 -12.14
CA ARG C 217 -14.23 27.03 -12.15
C ARG C 217 -13.76 28.12 -13.10
N HIS C 218 -12.46 28.16 -13.37
CA HIS C 218 -11.91 29.22 -14.21
C HIS C 218 -11.76 28.78 -15.67
N LEU C 219 -12.36 27.65 -16.02
CA LEU C 219 -12.37 27.20 -17.41
C LEU C 219 -13.33 28.09 -18.21
N GLN C 220 -13.22 28.03 -19.53
CA GLN C 220 -14.07 28.85 -20.39
C GLN C 220 -15.54 28.56 -20.10
N ARG C 221 -15.90 27.28 -20.11
CA ARG C 221 -17.23 26.82 -19.73
C ARG C 221 -17.09 25.84 -18.58
N PRO C 222 -17.14 26.35 -17.33
CA PRO C 222 -16.83 25.48 -16.19
C PRO C 222 -18.03 24.60 -15.79
N ASP C 223 -19.10 24.63 -16.56
CA ASP C 223 -20.27 23.82 -16.27
C ASP C 223 -20.23 22.46 -16.98
N ILE C 224 -19.28 22.28 -17.89
CA ILE C 224 -19.14 21.02 -18.62
C ILE C 224 -18.84 19.87 -17.66
N PRO C 225 -19.74 18.87 -17.62
CA PRO C 225 -19.50 17.69 -16.80
C PRO C 225 -18.34 16.84 -17.32
N ASP C 226 -17.72 16.06 -16.46
CA ASP C 226 -16.68 15.12 -16.89
C ASP C 226 -17.17 14.33 -18.09
N VAL C 227 -16.24 13.88 -18.92
CA VAL C 227 -16.59 13.14 -20.13
C VAL C 227 -16.74 11.65 -19.82
N ASP C 228 -17.88 11.08 -20.22
CA ASP C 228 -18.17 9.68 -19.96
C ASP C 228 -17.66 8.77 -21.05
N LEU C 229 -17.98 9.10 -22.31
CA LEU C 229 -17.61 8.25 -23.44
C LEU C 229 -16.80 9.03 -24.46
N PHE C 230 -15.58 8.55 -24.74
CA PHE C 230 -14.67 9.25 -25.62
C PHE C 230 -14.52 8.49 -26.92
N LEU C 231 -15.22 8.96 -27.95
CA LEU C 231 -15.19 8.33 -29.27
C LEU C 231 -14.18 8.99 -30.18
N ARG C 232 -13.52 8.18 -31.00
CA ARG C 232 -12.72 8.68 -32.11
C ARG C 232 -12.71 7.63 -33.22
N THR C 233 -12.86 8.11 -34.46
CA THR C 233 -12.95 7.21 -35.60
C THR C 233 -11.62 7.17 -36.37
N SER C 234 -11.65 6.62 -37.57
CA SER C 234 -10.50 6.63 -38.48
C SER C 234 -9.53 5.48 -38.20
N GLY C 235 -9.41 5.10 -36.94
CA GLY C 235 -8.47 4.10 -36.52
C GLY C 235 -7.39 4.67 -35.61
N GLU C 236 -7.63 5.89 -35.12
CA GLU C 236 -6.66 6.60 -34.29
C GLU C 236 -6.98 6.45 -32.81
N GLN C 237 -6.02 5.93 -32.06
CA GLN C 237 -6.18 5.72 -30.63
C GLN C 237 -5.46 6.83 -29.88
N ARG C 238 -5.99 8.04 -30.00
CA ARG C 238 -5.41 9.21 -29.34
C ARG C 238 -6.52 10.10 -28.81
N SER C 239 -6.26 10.74 -27.68
CA SER C 239 -7.10 11.82 -27.20
C SER C 239 -6.74 13.06 -28.00
N SER C 240 -5.49 13.10 -28.45
CA SER C 240 -4.98 14.21 -29.25
C SER C 240 -5.33 15.55 -28.65
N ASN C 241 -5.40 15.60 -27.32
CA ASN C 241 -5.62 16.85 -26.62
C ASN C 241 -7.08 17.32 -26.66
N PHE C 242 -8.02 16.38 -26.63
CA PHE C 242 -9.43 16.74 -26.58
C PHE C 242 -9.96 16.59 -25.17
N MET C 243 -10.73 17.58 -24.74
CA MET C 243 -11.28 17.63 -23.39
C MET C 243 -10.29 17.04 -22.41
N LEU C 244 -9.04 17.48 -22.50
CA LEU C 244 -7.94 16.91 -21.74
C LEU C 244 -8.28 16.74 -20.26
N TRP C 245 -8.73 17.82 -19.64
CA TRP C 245 -9.04 17.85 -18.22
C TRP C 245 -10.32 17.08 -17.92
N GLN C 246 -11.32 17.23 -18.79
CA GLN C 246 -12.62 16.61 -18.58
C GLN C 246 -12.56 15.08 -18.69
N ALA C 247 -11.71 14.60 -19.60
CA ALA C 247 -11.73 13.18 -19.97
C ALA C 247 -10.70 12.35 -19.19
N ALA C 248 -10.30 12.85 -18.03
CA ALA C 248 -9.30 12.17 -17.20
C ALA C 248 -9.66 10.72 -16.94
N TYR C 249 -10.93 10.45 -16.66
CA TYR C 249 -11.38 9.11 -16.33
C TYR C 249 -12.41 8.57 -17.32
N ALA C 250 -12.34 9.04 -18.57
CA ALA C 250 -13.31 8.67 -19.58
C ALA C 250 -12.99 7.32 -20.22
N GLU C 251 -14.02 6.70 -20.79
CA GLU C 251 -13.88 5.41 -21.47
C GLU C 251 -13.62 5.60 -22.95
N TYR C 252 -12.39 5.32 -23.38
CA TYR C 252 -12.03 5.46 -24.79
C TYR C 252 -12.56 4.30 -25.62
N ILE C 253 -13.45 4.61 -26.55
CA ILE C 253 -13.91 3.65 -27.55
C ILE C 253 -13.41 4.11 -28.92
N PHE C 254 -12.75 3.19 -29.64
CA PHE C 254 -12.14 3.52 -30.92
C PHE C 254 -12.68 2.65 -32.05
N GLN C 255 -12.88 3.25 -33.22
CA GLN C 255 -13.36 2.53 -34.40
C GLN C 255 -12.57 2.91 -35.64
N ASP C 256 -12.72 2.11 -36.70
CA ASP C 256 -12.00 2.35 -37.95
C ASP C 256 -12.78 3.24 -38.92
N LYS C 257 -14.10 3.05 -38.96
CA LYS C 257 -14.96 3.78 -39.88
C LYS C 257 -14.63 5.26 -39.93
N LEU C 258 -14.42 5.78 -41.13
CA LEU C 258 -14.13 7.20 -41.31
C LEU C 258 -15.41 8.00 -41.10
N TRP C 259 -15.25 9.28 -40.74
CA TRP C 259 -16.38 10.12 -40.33
C TRP C 259 -17.51 10.21 -41.36
N PRO C 260 -17.16 10.40 -42.65
CA PRO C 260 -18.20 10.61 -43.65
C PRO C 260 -19.06 9.38 -43.93
N ASP C 261 -18.67 8.23 -43.39
CA ASP C 261 -19.46 7.01 -43.50
C ASP C 261 -20.17 6.73 -42.18
N TYR C 262 -19.78 7.46 -41.15
CA TYR C 262 -20.36 7.31 -39.82
C TYR C 262 -21.78 7.84 -39.76
N ASP C 263 -22.66 7.05 -39.15
CA ASP C 263 -24.05 7.44 -38.96
C ASP C 263 -24.54 6.98 -37.59
N ARG C 264 -25.70 7.46 -37.17
CA ARG C 264 -26.15 7.31 -35.79
C ARG C 264 -26.09 5.89 -35.25
N ARG C 265 -26.46 4.91 -36.07
CA ARG C 265 -26.48 3.52 -35.62
C ARG C 265 -25.11 3.10 -35.08
N ASP C 266 -24.05 3.68 -35.61
CA ASP C 266 -22.69 3.39 -35.18
C ASP C 266 -22.40 4.04 -33.84
N LEU C 267 -23.03 5.19 -33.60
CA LEU C 267 -22.94 5.85 -32.30
C LEU C 267 -23.64 5.02 -31.24
N TRP C 268 -24.68 4.29 -31.67
CA TRP C 268 -25.42 3.43 -30.77
C TRP C 268 -24.61 2.18 -30.46
N ALA C 269 -23.80 1.75 -31.43
CA ALA C 269 -22.89 0.63 -31.21
C ALA C 269 -21.95 0.97 -30.06
N ALA C 270 -21.31 2.12 -30.18
CA ALA C 270 -20.37 2.60 -29.18
C ALA C 270 -20.93 2.57 -27.76
N CYS C 271 -22.12 3.11 -27.58
CA CYS C 271 -22.71 3.26 -26.24
C CYS C 271 -23.15 1.93 -25.62
N GLU C 272 -23.34 0.91 -26.46
CA GLU C 272 -23.60 -0.43 -25.95
C GLU C 272 -22.30 -1.04 -25.41
N GLU C 273 -21.17 -0.67 -26.02
CA GLU C 273 -19.88 -1.17 -25.55
C GLU C 273 -19.52 -0.50 -24.22
N TYR C 274 -19.76 0.80 -24.14
CA TYR C 274 -19.57 1.53 -22.89
C TYR C 274 -20.52 0.96 -21.83
N ALA C 275 -21.64 0.43 -22.29
CA ALA C 275 -22.66 -0.09 -21.39
C ALA C 275 -22.22 -1.37 -20.69
N SER C 276 -21.44 -2.18 -21.40
CA SER C 276 -21.03 -3.48 -20.87
C SER C 276 -19.81 -3.38 -19.96
N ARG C 277 -19.19 -2.19 -19.92
CA ARG C 277 -17.94 -2.02 -19.17
C ARG C 277 -18.18 -1.64 -17.71
N THR C 278 -17.19 -1.97 -16.89
CA THR C 278 -17.19 -1.61 -15.48
C THR C 278 -16.24 -0.44 -15.25
N ARG C 279 -16.78 0.68 -14.78
CA ARG C 279 -15.97 1.84 -14.45
C ARG C 279 -15.77 1.83 -12.94
N ARG C 280 -14.59 2.23 -12.47
CA ARG C 280 -14.25 2.01 -11.07
C ARG C 280 -13.63 3.21 -10.34
N PHE C 281 -12.96 4.10 -11.07
CA PHE C 281 -12.43 5.34 -10.48
C PHE C 281 -11.52 5.12 -9.27
N GLY C 282 -10.55 4.23 -9.38
CA GLY C 282 -9.66 3.94 -8.27
C GLY C 282 -10.24 2.97 -7.26
N SER C 283 -11.49 2.56 -7.48
CA SER C 283 -12.09 1.55 -6.63
C SER C 283 -11.48 0.20 -6.96
N ALA C 284 -11.59 -0.75 -6.03
CA ALA C 284 -11.02 -2.07 -6.23
C ALA C 284 -11.59 -2.73 -7.49
N PRO D 2 28.83 -13.27 42.16
CA PRO D 2 28.33 -13.62 40.83
C PRO D 2 29.14 -12.95 39.73
N GLN D 3 29.13 -11.62 39.72
CA GLN D 3 29.87 -10.84 38.75
C GLN D 3 31.36 -11.06 38.93
N LEU D 4 32.13 -10.87 37.85
CA LEU D 4 33.58 -10.85 37.97
C LEU D 4 34.01 -9.60 38.72
N PRO D 5 34.91 -9.74 39.70
CA PRO D 5 35.37 -8.61 40.50
C PRO D 5 36.08 -7.57 39.63
N PRO D 6 36.08 -6.30 40.06
CA PRO D 6 36.69 -5.20 39.31
C PRO D 6 38.05 -5.56 38.74
N ALA D 7 38.20 -5.40 37.42
CA ALA D 7 39.44 -5.75 36.74
C ALA D 7 40.58 -4.88 37.25
N PRO D 8 41.81 -5.40 37.15
CA PRO D 8 42.99 -4.58 37.48
C PRO D 8 42.97 -3.30 36.65
N ASP D 9 43.35 -2.17 37.25
CA ASP D 9 43.34 -0.91 36.52
C ASP D 9 44.19 -0.98 35.26
N ASP D 10 45.14 -1.90 35.24
CA ASP D 10 46.00 -2.11 34.08
C ASP D 10 45.41 -3.11 33.09
N TYR D 11 44.66 -4.08 33.60
CA TYR D 11 44.13 -5.15 32.77
C TYR D 11 43.56 -4.62 31.46
N PRO D 12 44.01 -5.20 30.34
CA PRO D 12 43.72 -4.82 28.95
C PRO D 12 42.31 -4.24 28.75
N THR D 13 42.16 -3.39 27.73
CA THR D 13 40.86 -2.78 27.45
C THR D 13 40.33 -3.19 26.07
N PHE D 14 39.04 -2.98 25.88
CA PHE D 14 38.36 -3.29 24.62
C PHE D 14 37.06 -2.49 24.58
N PRO D 15 36.64 -2.05 23.39
CA PRO D 15 37.26 -2.25 22.07
C PRO D 15 38.14 -1.08 21.65
N ASP D 16 38.87 -1.26 20.55
CA ASP D 16 39.67 -0.20 19.96
C ASP D 16 39.29 -0.04 18.49
N THR D 17 38.23 0.73 18.24
CA THR D 17 37.73 0.90 16.88
C THR D 17 38.47 2.02 16.15
N SER D 18 39.78 2.09 16.39
CA SER D 18 40.66 2.85 15.53
C SER D 18 41.13 1.89 14.44
N THR D 19 40.63 0.65 14.52
CA THR D 19 40.91 -0.39 13.55
C THR D 19 39.61 -0.97 13.03
N TRP D 20 39.65 -1.59 11.87
CA TRP D 20 38.55 -2.42 11.42
C TRP D 20 39.05 -3.53 10.51
N PRO D 21 38.79 -4.79 10.89
CA PRO D 21 38.03 -5.15 12.11
C PRO D 21 38.81 -4.85 13.38
N VAL D 22 38.13 -4.39 14.43
CA VAL D 22 38.77 -4.12 15.70
C VAL D 22 39.57 -5.34 16.13
N VAL D 23 40.65 -5.12 16.88
CA VAL D 23 41.54 -6.21 17.25
C VAL D 23 41.45 -6.51 18.75
N PHE D 24 41.50 -7.79 19.09
CA PHE D 24 41.39 -8.22 20.48
C PHE D 24 42.78 -8.37 21.09
N PRO D 25 42.91 -8.04 22.39
CA PRO D 25 44.20 -8.09 23.08
C PRO D 25 44.68 -9.50 23.39
N GLU D 26 45.99 -9.67 23.58
CA GLU D 26 46.52 -10.89 24.18
C GLU D 26 46.31 -10.79 25.68
N LEU D 27 45.50 -11.69 26.22
CA LEU D 27 45.29 -11.77 27.65
C LEU D 27 46.25 -12.82 28.23
N PRO D 28 46.82 -12.55 29.41
CA PRO D 28 47.84 -13.46 29.92
C PRO D 28 47.26 -14.66 30.69
N ALA D 29 47.96 -15.78 30.60
CA ALA D 29 47.65 -17.01 31.34
C ALA D 29 46.35 -17.00 32.15
N ALA D 30 46.41 -16.49 33.38
CA ALA D 30 45.34 -16.67 34.35
C ALA D 30 45.20 -18.17 34.64
N PRO D 31 46.16 -18.72 35.41
CA PRO D 31 46.39 -20.16 35.57
C PRO D 31 45.86 -20.76 36.88
N TYR D 32 45.48 -22.03 36.88
CA TYR D 32 45.29 -22.80 35.66
C TYR D 32 43.86 -22.55 35.21
N GLY D 33 43.37 -21.34 35.46
CA GLY D 33 41.95 -21.03 35.39
C GLY D 33 41.31 -21.07 34.03
N GLY D 34 42.05 -21.53 33.02
CA GLY D 34 41.50 -21.70 31.68
C GLY D 34 40.97 -20.40 31.10
N PRO D 35 39.64 -20.22 31.10
CA PRO D 35 39.03 -19.02 30.54
C PRO D 35 39.66 -17.74 31.07
N CYS D 36 40.47 -17.09 30.24
CA CYS D 36 41.13 -15.85 30.65
C CYS D 36 40.03 -14.83 30.96
N ARG D 37 40.30 -13.95 31.92
CA ARG D 37 39.36 -12.88 32.24
C ARG D 37 39.07 -12.06 30.97
N PRO D 38 37.80 -11.66 30.80
CA PRO D 38 37.48 -10.86 29.61
C PRO D 38 38.04 -9.44 29.74
N PRO D 39 38.66 -8.92 28.67
CA PRO D 39 39.35 -7.63 28.77
C PRO D 39 38.44 -6.49 29.22
N GLN D 40 38.93 -5.67 30.13
CA GLN D 40 38.22 -4.52 30.67
C GLN D 40 37.58 -3.68 29.58
N HIS D 41 36.69 -2.78 29.96
CA HIS D 41 36.04 -1.87 29.02
C HIS D 41 36.87 -0.60 28.83
N THR D 42 36.38 0.31 27.98
CA THR D 42 37.11 1.54 27.66
C THR D 42 36.96 2.61 28.74
N SER D 43 35.78 2.71 29.33
CA SER D 43 35.59 3.57 30.49
C SER D 43 35.87 2.76 31.76
N LYS D 44 36.59 1.65 31.58
CA LYS D 44 36.93 0.73 32.66
C LYS D 44 35.81 0.58 33.68
N ALA D 45 34.57 0.56 33.22
CA ALA D 45 33.42 0.45 34.13
C ALA D 45 33.45 -0.90 34.86
N ALA D 46 32.51 -1.08 35.77
CA ALA D 46 32.42 -2.32 36.54
C ALA D 46 30.97 -2.79 36.68
N ALA D 47 30.73 -4.06 36.37
CA ALA D 47 29.39 -4.63 36.46
C ALA D 47 28.80 -4.41 37.85
N PRO D 48 27.49 -4.10 37.91
CA PRO D 48 26.81 -3.81 39.19
C PRO D 48 26.63 -5.05 40.06
N ARG D 49 26.72 -4.89 41.38
CA ARG D 49 26.48 -5.99 42.31
C ARG D 49 24.98 -6.31 42.39
N ILE D 50 24.56 -7.26 41.57
CA ILE D 50 23.15 -7.63 41.47
C ILE D 50 22.93 -9.03 42.03
N PRO D 51 22.07 -9.17 43.03
CA PRO D 51 21.67 -10.48 43.54
C PRO D 51 21.53 -11.49 42.42
N ALA D 52 22.09 -12.68 42.59
CA ALA D 52 22.04 -13.70 41.57
C ALA D 52 20.64 -14.29 41.40
N ASP D 53 19.71 -13.84 42.24
CA ASP D 53 18.31 -14.27 42.12
C ASP D 53 17.44 -13.11 41.61
N ARG D 54 18.03 -11.92 41.54
CA ARG D 54 17.41 -10.79 40.89
C ARG D 54 18.03 -10.60 39.50
N LEU D 55 18.98 -11.46 39.17
CA LEU D 55 19.71 -11.36 37.91
C LEU D 55 19.09 -12.27 36.85
N PRO D 56 19.01 -11.77 35.61
CA PRO D 56 18.44 -12.53 34.49
C PRO D 56 19.29 -13.75 34.12
N ASN D 57 18.65 -14.90 33.96
CA ASN D 57 19.37 -16.11 33.56
C ASN D 57 19.61 -16.12 32.06
N HIS D 58 18.67 -15.54 31.34
CA HIS D 58 18.70 -15.60 29.88
C HIS D 58 18.34 -14.24 29.27
N VAL D 59 19.35 -13.57 28.70
CA VAL D 59 19.16 -12.31 28.01
C VAL D 59 19.18 -12.53 26.51
N ALA D 60 18.13 -12.08 25.82
CA ALA D 60 18.07 -12.14 24.36
C ALA D 60 18.04 -10.72 23.79
N ILE D 61 18.70 -10.52 22.66
CA ILE D 61 18.85 -9.17 22.11
C ILE D 61 18.67 -9.12 20.60
N VAL D 62 17.88 -8.16 20.13
CA VAL D 62 17.81 -7.86 18.71
C VAL D 62 18.68 -6.63 18.46
N MET D 63 19.67 -6.78 17.57
CA MET D 63 20.72 -5.78 17.41
C MET D 63 20.39 -4.79 16.30
N ASP D 64 19.44 -3.90 16.56
CA ASP D 64 18.92 -2.98 15.56
C ASP D 64 19.80 -1.74 15.44
N GLY D 65 19.43 -0.83 14.55
CA GLY D 65 20.07 0.47 14.47
C GLY D 65 21.32 0.50 13.61
N ASN D 66 21.70 -0.65 13.06
CA ASN D 66 22.85 -0.70 12.15
C ASN D 66 22.54 0.03 10.86
N GLY D 67 21.27 0.04 10.48
CA GLY D 67 20.83 0.79 9.32
C GLY D 67 21.07 2.28 9.56
N ARG D 68 20.07 2.94 10.11
CA ARG D 68 20.14 4.36 10.43
C ARG D 68 21.55 4.86 10.73
N TRP D 69 22.22 4.22 11.68
CA TRP D 69 23.54 4.68 12.13
C TRP D 69 24.38 5.15 10.95
N ALA D 70 24.57 4.26 9.99
CA ALA D 70 25.35 4.58 8.80
C ALA D 70 24.63 5.62 7.94
N THR D 71 23.32 5.47 7.83
CA THR D 71 22.50 6.33 6.98
C THR D 71 22.44 7.78 7.46
N GLN D 72 22.80 8.03 8.71
CA GLN D 72 22.84 9.38 9.26
C GLN D 72 24.16 10.03 8.92
N ARG D 73 25.02 9.27 8.23
CA ARG D 73 26.42 9.63 8.06
C ARG D 73 26.86 9.54 6.59
N GLY D 74 25.93 9.26 5.69
CA GLY D 74 26.26 9.10 4.29
C GLY D 74 27.11 7.88 4.05
N LEU D 75 26.99 6.89 4.92
CA LEU D 75 27.66 5.61 4.74
C LEU D 75 26.65 4.59 4.23
N ALA D 76 27.13 3.59 3.49
CA ALA D 76 26.29 2.45 3.16
C ALA D 76 25.80 1.89 4.48
N ARG D 77 24.55 1.47 4.55
CA ARG D 77 24.01 0.97 5.80
C ARG D 77 24.67 -0.36 6.20
N THR D 78 25.43 -0.94 5.27
CA THR D 78 26.19 -2.16 5.57
C THR D 78 27.49 -1.82 6.28
N GLU D 79 27.68 -0.52 6.57
CA GLU D 79 28.87 -0.04 7.26
C GLU D 79 28.60 0.00 8.76
N GLY D 80 27.38 0.36 9.12
CA GLY D 80 26.97 0.33 10.52
C GLY D 80 27.00 -1.09 11.05
N HIS D 81 26.84 -2.06 10.14
CA HIS D 81 26.95 -3.47 10.49
C HIS D 81 28.40 -3.81 10.85
N LYS D 82 29.33 -3.19 10.14
CA LYS D 82 30.75 -3.35 10.42
C LYS D 82 31.09 -2.78 11.80
N MET D 83 30.65 -1.56 12.04
CA MET D 83 30.95 -0.87 13.30
C MET D 83 30.29 -1.56 14.49
N GLY D 84 29.25 -2.34 14.21
CA GLY D 84 28.61 -3.14 15.23
C GLY D 84 29.05 -4.59 15.16
N GLU D 85 30.30 -4.83 15.53
CA GLU D 85 30.90 -6.15 15.45
C GLU D 85 31.75 -6.39 16.70
N ALA D 86 32.52 -5.37 17.07
CA ALA D 86 33.28 -5.42 18.31
C ALA D 86 32.37 -5.02 19.46
N VAL D 87 31.20 -4.47 19.13
CA VAL D 87 30.18 -4.20 20.12
C VAL D 87 29.51 -5.51 20.50
N VAL D 88 29.49 -6.45 19.56
CA VAL D 88 29.05 -7.81 19.84
C VAL D 88 29.99 -8.43 20.86
N ILE D 89 31.29 -8.31 20.59
CA ILE D 89 32.31 -8.86 21.48
C ILE D 89 32.32 -8.09 22.79
N ASP D 90 31.87 -6.85 22.77
CA ASP D 90 31.84 -6.02 23.96
C ASP D 90 30.74 -6.53 24.89
N ILE D 91 29.57 -6.77 24.32
CA ILE D 91 28.43 -7.29 25.06
C ILE D 91 28.69 -8.70 25.57
N ALA D 92 29.65 -9.39 24.93
CA ALA D 92 30.02 -10.74 25.34
C ALA D 92 30.86 -10.70 26.61
N CYS D 93 31.76 -9.74 26.70
CA CYS D 93 32.61 -9.58 27.86
C CYS D 93 31.83 -9.04 29.06
N GLY D 94 30.90 -8.13 28.79
CA GLY D 94 30.06 -7.56 29.82
C GLY D 94 29.11 -8.57 30.46
N ALA D 95 28.69 -9.55 29.67
CA ALA D 95 27.83 -10.61 30.19
C ALA D 95 28.59 -11.45 31.21
N ILE D 96 29.79 -11.87 30.83
CA ILE D 96 30.65 -12.66 31.71
C ILE D 96 30.94 -11.89 33.01
N GLU D 97 31.18 -10.59 32.88
CA GLU D 97 31.50 -9.75 34.03
C GLU D 97 30.28 -9.54 34.92
N LEU D 98 29.08 -9.58 34.34
CA LEU D 98 27.86 -9.46 35.12
C LEU D 98 27.39 -10.83 35.61
N GLY D 99 27.95 -11.88 35.03
CA GLY D 99 27.61 -13.24 35.43
C GLY D 99 26.36 -13.79 34.79
N ILE D 100 25.97 -13.24 33.63
CA ILE D 100 24.86 -13.78 32.87
C ILE D 100 25.25 -15.13 32.28
N LYS D 101 24.29 -16.03 32.11
CA LYS D 101 24.58 -17.41 31.72
C LYS D 101 24.10 -17.78 30.31
N TRP D 102 23.08 -17.10 29.82
CA TRP D 102 22.58 -17.33 28.46
C TRP D 102 22.47 -16.03 27.68
N LEU D 103 22.96 -16.04 26.45
CA LEU D 103 22.90 -14.87 25.58
C LEU D 103 22.48 -15.27 24.17
N SER D 104 21.33 -14.79 23.74
CA SER D 104 20.82 -15.05 22.41
C SER D 104 20.91 -13.78 21.59
N LEU D 105 21.31 -13.90 20.32
CA LEU D 105 21.65 -12.74 19.52
C LEU D 105 21.11 -12.83 18.09
N TYR D 106 20.12 -11.98 17.80
CA TYR D 106 19.41 -12.03 16.52
C TYR D 106 20.25 -11.40 15.43
N ALA D 107 21.08 -12.22 14.78
CA ALA D 107 21.96 -11.75 13.72
C ALA D 107 21.21 -11.57 12.41
N PHE D 108 20.36 -12.54 12.06
CA PHE D 108 19.71 -12.55 10.76
C PHE D 108 18.31 -13.18 10.81
N SER D 109 17.30 -12.33 10.84
CA SER D 109 15.89 -12.77 10.77
C SER D 109 15.60 -13.50 9.46
N THR D 110 14.42 -14.12 9.37
CA THR D 110 13.95 -14.68 8.12
C THR D 110 13.27 -13.60 7.30
N GLU D 111 12.83 -12.54 7.98
CA GLU D 111 12.29 -11.36 7.33
C GLU D 111 13.40 -10.56 6.67
N ASN D 112 14.62 -11.06 6.74
CA ASN D 112 15.79 -10.35 6.26
C ASN D 112 16.23 -10.75 4.84
N TRP D 113 15.54 -11.72 4.24
CA TRP D 113 15.68 -11.97 2.80
C TRP D 113 14.81 -10.97 2.05
N LYS D 114 13.98 -10.23 2.79
CA LYS D 114 13.13 -9.19 2.22
C LYS D 114 13.93 -7.92 1.94
N ARG D 115 15.13 -7.84 2.50
CA ARG D 115 16.02 -6.71 2.22
C ARG D 115 16.62 -6.89 0.83
N SER D 116 17.42 -5.92 0.40
CA SER D 116 18.02 -5.98 -0.93
C SER D 116 18.99 -7.17 -1.01
N PRO D 117 19.01 -7.85 -2.16
CA PRO D 117 19.91 -8.98 -2.41
C PRO D 117 21.39 -8.65 -2.24
N GLU D 118 21.77 -7.40 -2.43
CA GLU D 118 23.16 -6.99 -2.26
C GLU D 118 23.49 -6.88 -0.78
N GLU D 119 22.50 -6.48 0.01
CA GLU D 119 22.65 -6.37 1.46
C GLU D 119 22.67 -7.75 2.09
N VAL D 120 21.67 -8.57 1.74
CA VAL D 120 21.58 -9.94 2.22
C VAL D 120 22.89 -10.68 2.00
N ARG D 121 23.46 -10.52 0.81
CA ARG D 121 24.69 -11.22 0.46
C ARG D 121 25.90 -10.68 1.21
N PHE D 122 25.88 -9.39 1.53
CA PHE D 122 26.96 -8.82 2.32
C PHE D 122 26.90 -9.34 3.75
N LEU D 123 25.69 -9.52 4.27
CA LEU D 123 25.50 -9.92 5.66
C LEU D 123 25.86 -11.39 5.85
N MET D 124 25.44 -12.22 4.91
CA MET D 124 25.83 -13.62 4.92
C MET D 124 27.35 -13.72 5.00
N GLY D 125 28.01 -13.16 4.00
CA GLY D 125 29.47 -13.15 3.97
C GLY D 125 30.05 -12.61 5.27
N PHE D 126 29.70 -11.38 5.60
CA PHE D 126 30.21 -10.72 6.80
C PHE D 126 30.17 -11.64 8.00
N ASN D 127 28.98 -12.05 8.40
CA ASN D 127 28.80 -12.99 9.50
C ASN D 127 29.80 -14.13 9.41
N ARG D 128 29.82 -14.81 8.27
CA ARG D 128 30.73 -15.91 8.04
C ARG D 128 32.14 -15.57 8.51
N ASP D 129 32.60 -14.38 8.16
CA ASP D 129 33.92 -13.90 8.59
C ASP D 129 34.01 -13.72 10.09
N VAL D 130 32.97 -13.14 10.68
CA VAL D 130 32.97 -12.85 12.11
C VAL D 130 32.90 -14.14 12.93
N VAL D 131 32.36 -15.19 12.33
CA VAL D 131 32.26 -16.48 13.01
C VAL D 131 33.61 -17.19 12.93
N ARG D 132 34.33 -16.94 11.84
CA ARG D 132 35.63 -17.55 11.61
C ARG D 132 36.77 -16.71 12.19
N ARG D 133 36.49 -15.45 12.47
CA ARG D 133 37.51 -14.51 12.92
C ARG D 133 37.44 -14.30 14.42
N ARG D 134 36.46 -14.93 15.07
CA ARG D 134 36.24 -14.70 16.50
C ARG D 134 36.15 -16.01 17.30
N ARG D 135 36.01 -17.14 16.62
CA ARG D 135 35.70 -18.40 17.31
C ARG D 135 36.78 -18.85 18.28
N ASP D 136 37.99 -18.32 18.13
CA ASP D 136 39.07 -18.62 19.06
C ASP D 136 39.05 -17.64 20.22
N THR D 137 38.95 -16.34 19.90
CA THR D 137 38.88 -15.31 20.92
C THR D 137 37.76 -15.63 21.91
N LEU D 138 36.69 -16.26 21.41
CA LEU D 138 35.53 -16.57 22.23
C LEU D 138 35.74 -17.90 22.96
N LYS D 139 36.32 -18.88 22.27
CA LYS D 139 36.65 -20.16 22.89
C LYS D 139 37.61 -19.92 24.04
N LYS D 140 38.27 -18.77 24.05
CA LYS D 140 39.29 -18.45 25.03
C LYS D 140 38.71 -17.88 26.31
N LEU D 141 37.63 -17.12 26.18
CA LEU D 141 37.03 -16.45 27.33
C LEU D 141 36.07 -17.36 28.07
N GLY D 142 35.89 -18.58 27.56
CA GLY D 142 35.04 -19.56 28.20
C GLY D 142 33.61 -19.54 27.70
N VAL D 143 33.44 -19.17 26.43
CA VAL D 143 32.13 -19.03 25.82
C VAL D 143 31.73 -20.25 24.98
N ARG D 144 30.62 -20.89 25.36
CA ARG D 144 30.02 -21.94 24.54
C ARG D 144 29.06 -21.33 23.53
N ILE D 145 29.27 -21.63 22.25
CA ILE D 145 28.50 -20.98 21.18
C ILE D 145 28.01 -21.99 20.14
N ARG D 146 26.83 -21.74 19.59
CA ARG D 146 26.30 -22.56 18.50
C ARG D 146 25.30 -21.79 17.63
N TRP D 147 24.73 -22.46 16.64
CA TRP D 147 23.87 -21.81 15.65
C TRP D 147 22.40 -22.19 15.86
N VAL D 148 21.53 -21.19 15.85
CA VAL D 148 20.10 -21.42 15.96
C VAL D 148 19.40 -20.78 14.78
N GLY D 149 18.73 -21.61 13.97
CA GLY D 149 17.97 -21.08 12.86
C GLY D 149 17.44 -22.13 11.90
N SER D 150 17.01 -21.66 10.74
CA SER D 150 16.44 -22.51 9.71
C SER D 150 17.49 -22.78 8.64
N ARG D 151 17.63 -24.04 8.24
CA ARG D 151 18.64 -24.42 7.25
C ARG D 151 18.30 -23.92 5.84
N PRO D 152 17.05 -24.09 5.41
CA PRO D 152 16.60 -23.59 4.09
C PRO D 152 17.09 -22.17 3.78
N ARG D 153 17.65 -21.99 2.59
CA ARG D 153 18.15 -20.69 2.11
C ARG D 153 19.52 -20.30 2.67
N LEU D 154 19.74 -20.56 3.96
CA LEU D 154 21.01 -20.20 4.59
C LEU D 154 22.20 -20.91 3.94
N TRP D 155 23.25 -20.15 3.68
CA TRP D 155 24.45 -20.67 3.01
C TRP D 155 25.15 -21.73 3.85
N ARG D 156 25.71 -22.73 3.16
CA ARG D 156 26.44 -23.79 3.84
C ARG D 156 27.67 -23.21 4.50
N SER D 157 28.34 -22.30 3.79
CA SER D 157 29.57 -21.70 4.29
C SER D 157 29.37 -21.02 5.64
N VAL D 158 28.17 -20.48 5.87
CA VAL D 158 27.87 -19.83 7.15
C VAL D 158 27.62 -20.86 8.25
N ILE D 159 26.85 -21.90 7.92
CA ILE D 159 26.57 -22.97 8.86
C ILE D 159 27.85 -23.67 9.31
N ASN D 160 28.85 -23.67 8.46
CA ASN D 160 30.08 -24.46 8.69
C ASN D 160 31.06 -23.81 9.65
N GLU D 161 31.21 -22.49 9.58
CA GLU D 161 32.04 -21.78 10.54
C GLU D 161 31.34 -21.84 11.89
N LEU D 162 30.02 -22.01 11.85
CA LEU D 162 29.22 -22.06 13.07
C LEU D 162 29.27 -23.45 13.69
N ALA D 163 29.38 -24.47 12.84
CA ALA D 163 29.52 -25.84 13.32
C ALA D 163 30.95 -26.08 13.79
N VAL D 164 31.84 -25.18 13.41
CA VAL D 164 33.24 -25.29 13.79
C VAL D 164 33.49 -24.57 15.12
N ALA D 165 32.84 -23.43 15.31
CA ALA D 165 32.92 -22.72 16.57
C ALA D 165 32.18 -23.50 17.64
N GLU D 166 31.14 -24.22 17.24
CA GLU D 166 30.34 -24.99 18.17
C GLU D 166 31.09 -26.20 18.73
N GLU D 167 31.78 -26.93 17.86
CA GLU D 167 32.60 -28.06 18.29
C GLU D 167 33.77 -27.57 19.13
N MET D 168 34.41 -26.50 18.66
CA MET D 168 35.54 -25.89 19.35
C MET D 168 35.19 -25.44 20.77
N THR D 169 33.90 -25.24 21.04
CA THR D 169 33.49 -24.65 22.30
C THR D 169 32.34 -25.42 22.95
N LYS D 170 32.36 -26.74 22.84
CA LYS D 170 31.30 -27.57 23.41
C LYS D 170 31.52 -27.84 24.89
N SER D 171 32.76 -27.70 25.35
CA SER D 171 33.09 -27.90 26.75
C SER D 171 32.97 -26.64 27.58
N ASN D 172 32.78 -25.50 26.93
CA ASN D 172 32.80 -24.21 27.62
C ASN D 172 31.56 -23.97 28.47
N ASP D 173 31.65 -23.07 29.44
CA ASP D 173 30.56 -22.87 30.40
C ASP D 173 30.36 -21.45 30.93
N VAL D 174 31.39 -20.60 30.85
CA VAL D 174 31.30 -19.24 31.38
C VAL D 174 30.01 -18.53 30.92
N ILE D 175 29.56 -18.88 29.73
CA ILE D 175 28.34 -18.34 29.16
C ILE D 175 28.03 -19.12 27.89
N THR D 176 26.77 -19.12 27.47
CA THR D 176 26.38 -19.82 26.25
C THR D 176 25.64 -18.89 25.29
N ILE D 177 26.27 -18.59 24.16
CA ILE D 177 25.72 -17.66 23.19
C ILE D 177 25.04 -18.38 22.01
N ASN D 178 23.72 -18.23 21.93
CA ASN D 178 22.97 -18.73 20.79
C ASN D 178 22.99 -17.71 19.65
N TYR D 179 23.82 -17.98 18.64
CA TYR D 179 23.98 -17.06 17.52
C TYR D 179 22.91 -17.34 16.47
N CYS D 180 21.85 -16.53 16.49
CA CYS D 180 20.70 -16.74 15.64
C CYS D 180 20.89 -16.19 14.24
N VAL D 181 21.12 -17.09 13.28
CA VAL D 181 21.22 -16.73 11.88
C VAL D 181 20.12 -17.41 11.09
N ASN D 182 19.44 -16.64 10.25
CA ASN D 182 18.20 -17.06 9.61
C ASN D 182 17.24 -17.71 10.59
N TYR D 183 17.15 -17.17 11.80
CA TYR D 183 16.19 -17.66 12.77
C TYR D 183 14.82 -17.08 12.54
N GLY D 184 13.79 -17.88 12.82
CA GLY D 184 12.40 -17.46 12.67
C GLY D 184 11.56 -18.10 13.76
N GLY D 185 10.89 -17.25 14.54
CA GLY D 185 10.10 -17.70 15.67
C GLY D 185 9.00 -18.69 15.32
N ARG D 186 8.12 -18.29 14.41
CA ARG D 186 6.99 -19.12 14.02
C ARG D 186 7.45 -20.36 13.26
N THR D 187 8.51 -20.21 12.49
CA THR D 187 8.98 -21.28 11.61
C THR D 187 9.70 -22.37 12.38
N GLU D 188 10.30 -22.01 13.51
CA GLU D 188 10.97 -23.02 14.32
C GLU D 188 9.91 -23.83 15.05
N ILE D 189 8.75 -23.20 15.27
CA ILE D 189 7.58 -23.89 15.79
C ILE D 189 7.03 -24.82 14.73
N THR D 190 6.90 -24.29 13.52
CA THR D 190 6.31 -25.04 12.42
C THR D 190 7.21 -26.20 12.00
N GLU D 191 8.49 -26.09 12.34
CA GLU D 191 9.43 -27.18 12.14
C GLU D 191 9.26 -28.19 13.26
N ALA D 192 8.95 -27.68 14.46
CA ALA D 192 8.66 -28.53 15.60
C ALA D 192 7.37 -29.29 15.36
N THR D 193 6.48 -28.69 14.57
CA THR D 193 5.19 -29.30 14.27
C THR D 193 5.31 -30.32 13.16
N ARG D 194 6.29 -30.14 12.27
CA ARG D 194 6.45 -31.05 11.15
C ARG D 194 7.22 -32.31 11.55
N GLU D 195 8.09 -32.20 12.55
CA GLU D 195 8.80 -33.36 13.03
C GLU D 195 7.86 -34.21 13.87
N ILE D 196 6.99 -33.55 14.63
CA ILE D 196 5.93 -34.24 15.37
C ILE D 196 4.99 -34.96 14.41
N ALA D 197 4.39 -34.19 13.51
CA ALA D 197 3.53 -34.73 12.46
C ALA D 197 4.14 -35.97 11.81
N ARG D 198 5.43 -35.89 11.50
CA ARG D 198 6.14 -37.03 10.94
C ARG D 198 5.99 -38.22 11.88
N GLU D 199 6.42 -38.04 13.13
CA GLU D 199 6.36 -39.11 14.11
C GLU D 199 4.99 -39.78 14.18
N VAL D 200 3.93 -38.99 14.19
CA VAL D 200 2.56 -39.53 14.21
C VAL D 200 2.41 -40.55 13.09
N ALA D 201 2.74 -40.13 11.87
CA ALA D 201 2.65 -40.99 10.69
C ALA D 201 3.43 -42.29 10.86
N ALA D 202 4.73 -42.16 11.11
CA ALA D 202 5.61 -43.31 11.25
C ALA D 202 5.10 -44.29 12.31
N GLY D 203 4.20 -43.82 13.15
CA GLY D 203 3.54 -44.68 14.13
C GLY D 203 4.06 -44.50 15.54
N ARG D 204 5.21 -43.86 15.68
CA ARG D 204 5.88 -43.74 16.97
C ARG D 204 5.16 -42.80 17.92
N LEU D 205 4.28 -41.95 17.39
CA LEU D 205 3.64 -40.92 18.21
C LEU D 205 2.12 -41.02 18.25
N ASN D 206 1.56 -40.52 19.35
CA ASN D 206 0.12 -40.44 19.55
C ASN D 206 -0.27 -38.99 19.80
N PRO D 207 -1.11 -38.41 18.91
CA PRO D 207 -1.48 -37.00 18.96
C PRO D 207 -2.06 -36.54 20.31
N GLU D 208 -2.79 -37.41 20.99
CA GLU D 208 -3.45 -37.04 22.24
C GLU D 208 -2.41 -36.81 23.34
N ARG D 209 -1.16 -37.20 23.06
CA ARG D 209 -0.08 -37.10 24.03
C ARG D 209 0.75 -35.83 23.85
N ILE D 210 0.57 -35.14 22.72
CA ILE D 210 1.31 -33.91 22.47
C ILE D 210 0.90 -32.86 23.49
N THR D 211 1.81 -32.56 24.42
CA THR D 211 1.60 -31.46 25.37
C THR D 211 2.57 -30.33 25.03
N GLU D 212 2.72 -29.37 25.94
CA GLU D 212 3.59 -28.22 25.70
C GLU D 212 5.05 -28.63 25.50
N SER D 213 5.51 -29.58 26.31
CA SER D 213 6.93 -29.95 26.33
C SER D 213 7.32 -30.84 25.16
N THR D 214 6.37 -31.09 24.25
CA THR D 214 6.66 -31.92 23.07
C THR D 214 6.93 -31.03 21.88
N ILE D 215 6.69 -29.73 22.06
CA ILE D 215 7.06 -28.73 21.07
C ILE D 215 8.45 -28.27 21.46
N ALA D 216 8.58 -27.87 22.73
CA ALA D 216 9.86 -27.46 23.29
C ALA D 216 10.98 -28.42 22.90
N ARG D 217 10.72 -29.72 22.99
CA ARG D 217 11.75 -30.72 22.77
C ARG D 217 11.97 -31.00 21.27
N HIS D 218 11.04 -30.53 20.44
CA HIS D 218 11.22 -30.57 18.99
C HIS D 218 11.59 -29.20 18.43
N LEU D 219 11.71 -28.20 19.31
CA LEU D 219 12.25 -26.91 18.92
C LEU D 219 13.69 -27.16 18.48
N GLN D 220 14.34 -26.14 17.94
CA GLN D 220 15.63 -26.33 17.30
C GLN D 220 16.75 -26.67 18.29
N ARG D 221 16.83 -25.94 19.39
CA ARG D 221 17.76 -26.26 20.47
C ARG D 221 16.99 -26.37 21.77
N PRO D 222 16.33 -27.51 22.00
CA PRO D 222 15.48 -27.79 23.17
C PRO D 222 16.05 -27.34 24.51
N ASP D 223 17.37 -27.17 24.61
CA ASP D 223 17.99 -26.86 25.89
C ASP D 223 18.12 -25.35 26.17
N ILE D 224 17.49 -24.52 25.33
CA ILE D 224 17.50 -23.07 25.55
C ILE D 224 16.35 -22.66 26.47
N PRO D 225 16.68 -22.24 27.70
CA PRO D 225 15.69 -21.88 28.71
C PRO D 225 14.83 -20.69 28.29
N ASP D 226 13.78 -20.44 29.07
CA ASP D 226 12.92 -19.28 28.85
C ASP D 226 13.76 -18.02 28.80
N VAL D 227 13.17 -16.93 28.32
CA VAL D 227 13.87 -15.65 28.25
C VAL D 227 13.38 -14.77 29.38
N ASP D 228 14.33 -14.29 30.20
CA ASP D 228 14.00 -13.47 31.35
C ASP D 228 14.03 -11.99 30.99
N LEU D 229 15.00 -11.58 30.17
CA LEU D 229 15.10 -10.20 29.72
C LEU D 229 15.21 -10.11 28.20
N PHE D 230 14.30 -9.36 27.58
CA PHE D 230 14.33 -9.15 26.14
C PHE D 230 14.63 -7.68 25.84
N LEU D 231 15.80 -7.45 25.24
CA LEU D 231 16.23 -6.12 24.91
C LEU D 231 16.14 -5.89 23.40
N ARG D 232 16.00 -4.62 23.02
CA ARG D 232 16.13 -4.24 21.62
C ARG D 232 16.60 -2.79 21.53
N THR D 233 17.28 -2.44 20.43
CA THR D 233 17.84 -1.11 20.28
C THR D 233 16.96 -0.17 19.46
N SER D 234 17.53 0.97 19.09
CA SER D 234 16.82 2.09 18.45
C SER D 234 15.37 2.28 18.90
N GLY D 235 15.08 1.89 20.14
CA GLY D 235 13.79 2.13 20.75
C GLY D 235 12.62 1.56 19.98
N GLU D 236 12.90 0.77 18.95
CA GLU D 236 11.85 0.11 18.18
C GLU D 236 11.26 -1.00 19.05
N GLN D 237 10.03 -0.79 19.51
CA GLN D 237 9.42 -1.69 20.49
C GLN D 237 8.73 -2.89 19.85
N ARG D 238 9.51 -3.83 19.32
CA ARG D 238 8.97 -5.05 18.72
C ARG D 238 9.86 -6.25 19.06
N SER D 239 9.25 -7.41 19.24
CA SER D 239 10.00 -8.64 19.50
C SER D 239 10.58 -9.21 18.21
N SER D 240 9.76 -9.20 17.15
CA SER D 240 10.20 -9.55 15.81
C SER D 240 10.33 -11.04 15.58
N ASN D 241 9.51 -11.82 16.28
CA ASN D 241 9.48 -13.26 16.05
C ASN D 241 10.74 -13.90 16.61
N PHE D 242 11.42 -13.18 17.49
CA PHE D 242 12.71 -13.63 18.03
C PHE D 242 12.53 -14.32 19.37
N MET D 243 12.92 -15.59 19.42
CA MET D 243 12.71 -16.42 20.58
C MET D 243 11.24 -16.36 20.98
N LEU D 244 10.37 -16.47 19.97
CA LEU D 244 8.93 -16.35 20.16
C LEU D 244 8.43 -17.20 21.32
N TRP D 245 8.48 -18.51 21.13
CA TRP D 245 7.93 -19.46 22.09
C TRP D 245 8.67 -19.40 23.43
N GLN D 246 9.98 -19.25 23.35
CA GLN D 246 10.83 -19.23 24.54
C GLN D 246 10.43 -18.10 25.49
N ALA D 247 10.07 -16.96 24.91
CA ALA D 247 9.99 -15.72 25.66
C ALA D 247 8.56 -15.26 25.96
N ALA D 248 7.61 -16.18 25.99
CA ALA D 248 6.23 -15.83 26.30
C ALA D 248 6.14 -14.97 27.56
N TYR D 249 6.98 -15.26 28.55
CA TYR D 249 6.95 -14.55 29.83
C TYR D 249 8.22 -13.74 30.10
N ALA D 250 8.78 -13.15 29.04
CA ALA D 250 9.98 -12.34 29.17
C ALA D 250 9.62 -10.89 29.45
N GLU D 251 10.35 -10.27 30.38
CA GLU D 251 10.23 -8.84 30.62
C GLU D 251 10.84 -8.13 29.41
N TYR D 252 10.36 -6.92 29.12
CA TYR D 252 10.82 -6.19 27.95
C TYR D 252 11.52 -4.91 28.32
N ILE D 253 12.51 -4.54 27.50
CA ILE D 253 13.26 -3.32 27.67
C ILE D 253 13.68 -2.83 26.30
N PHE D 254 13.30 -1.60 25.97
CA PHE D 254 13.51 -1.08 24.63
C PHE D 254 14.44 0.14 24.69
N GLN D 255 15.73 -0.14 24.52
CA GLN D 255 16.78 0.85 24.67
C GLN D 255 16.91 1.73 23.44
N ASP D 256 16.96 3.04 23.66
CA ASP D 256 16.90 4.03 22.58
C ASP D 256 18.16 4.10 21.72
N LYS D 257 19.31 3.84 22.33
CA LYS D 257 20.58 3.84 21.61
C LYS D 257 20.52 2.97 20.37
N LEU D 258 21.34 3.30 19.37
CA LEU D 258 21.52 2.44 18.20
C LEU D 258 22.64 1.45 18.51
N TRP D 259 22.74 0.38 17.73
CA TRP D 259 23.60 -0.74 18.10
C TRP D 259 25.10 -0.43 18.05
N PRO D 260 25.57 0.24 16.98
CA PRO D 260 27.00 0.52 16.88
C PRO D 260 27.51 1.50 17.95
N ASP D 261 26.57 2.19 18.61
CA ASP D 261 26.91 3.06 19.73
C ASP D 261 26.92 2.27 21.03
N TYR D 262 26.15 1.19 21.04
CA TYR D 262 25.92 0.38 22.23
C TYR D 262 27.20 -0.18 22.84
N ASP D 263 27.16 -0.47 24.13
CA ASP D 263 28.28 -1.07 24.85
C ASP D 263 27.80 -1.78 26.11
N ARG D 264 28.73 -2.39 26.84
CA ARG D 264 28.38 -3.22 27.99
C ARG D 264 27.79 -2.42 29.16
N ARG D 265 28.12 -1.14 29.23
CA ARG D 265 27.58 -0.27 30.28
C ARG D 265 26.08 -0.13 30.16
N ASP D 266 25.58 -0.26 28.94
CA ASP D 266 24.14 -0.28 28.70
C ASP D 266 23.57 -1.60 29.18
N LEU D 267 24.03 -2.70 28.59
CA LEU D 267 23.61 -4.03 28.98
C LEU D 267 23.32 -4.09 30.49
N TRP D 268 24.34 -3.82 31.30
CA TRP D 268 24.21 -3.85 32.75
C TRP D 268 23.08 -2.93 33.22
N ALA D 269 23.08 -1.71 32.71
CA ALA D 269 22.03 -0.76 33.04
C ALA D 269 20.66 -1.40 32.88
N ALA D 270 20.48 -2.15 31.79
CA ALA D 270 19.20 -2.77 31.47
C ALA D 270 18.87 -3.89 32.45
N CYS D 271 19.90 -4.61 32.90
CA CYS D 271 19.73 -5.62 33.94
C CYS D 271 19.44 -4.96 35.28
N GLU D 272 19.84 -3.71 35.42
CA GLU D 272 19.56 -2.90 36.60
C GLU D 272 18.16 -2.30 36.50
N GLU D 273 17.42 -2.69 35.47
CA GLU D 273 16.06 -2.22 35.27
C GLU D 273 15.08 -3.39 35.37
N TYR D 274 15.54 -4.57 34.97
CA TYR D 274 14.74 -5.79 35.06
C TYR D 274 14.73 -6.32 36.49
N ALA D 275 15.72 -5.90 37.26
CA ALA D 275 15.87 -6.37 38.63
C ALA D 275 14.95 -5.62 39.59
N SER D 276 14.52 -4.43 39.18
CA SER D 276 13.51 -3.69 39.93
C SER D 276 12.15 -4.37 39.72
N ARG D 277 11.87 -4.69 38.46
CA ARG D 277 10.64 -5.35 38.07
C ARG D 277 10.36 -6.57 38.95
N THR D 278 9.11 -6.73 39.36
CA THR D 278 8.69 -7.96 40.03
C THR D 278 7.92 -8.81 39.02
N ARG D 279 8.15 -10.11 39.05
CA ARG D 279 7.52 -11.01 38.10
C ARG D 279 6.57 -11.97 38.81
N ARG D 280 5.47 -12.29 38.13
CA ARG D 280 4.36 -13.02 38.74
C ARG D 280 4.03 -14.29 37.97
N PHE D 281 4.16 -14.23 36.64
CA PHE D 281 3.80 -15.36 35.79
C PHE D 281 2.37 -15.82 36.10
N GLY D 282 1.52 -14.88 36.48
CA GLY D 282 0.11 -15.18 36.69
C GLY D 282 -0.30 -15.58 38.10
N SER D 283 0.56 -15.33 39.09
CA SER D 283 0.20 -15.63 40.47
C SER D 283 -0.60 -14.47 41.07
N ALA D 284 -1.01 -14.63 42.33
CA ALA D 284 -1.87 -13.66 42.98
C ALA D 284 -1.29 -12.24 42.92
#